data_3QMO
#
_entry.id   3QMO
#
_cell.length_a   120.428
_cell.length_b   131.213
_cell.length_c   179.568
_cell.angle_alpha   90.00
_cell.angle_beta   90.00
_cell.angle_gamma   90.00
#
_symmetry.space_group_name_H-M   'I 2 2 2'
#
loop_
_entity.id
_entity.type
_entity.pdbx_description
1 polymer 'Prostaglandin G/H synthase 2'
2 branched 2-acetamido-2-deoxy-alpha-D-glucopyranose-(1-4)-2-acetamido-2-deoxy-beta-D-glucopyranose
3 branched 2-acetamido-2-deoxy-beta-D-glucopyranose-(1-4)-2-acetamido-2-deoxy-beta-D-glucopyranose
4 branched beta-D-mannopyranose-(1-4)-2-acetamido-2-deoxy-beta-D-glucopyranose-(1-4)-2-acetamido-2-deoxy-beta-D-glucopyranose
5 non-polymer GLYCEROL
6 non-polymer N-[2-(cyclohexyloxy)-4-nitrophenyl]methanesulfonamide
7 non-polymer 'PROTOPORPHYRIN IX CONTAINING FE'
8 non-polymer 2-acetamido-2-deoxy-beta-D-glucopyranose
9 non-polymer 'octyl beta-D-glucopyranoside'
10 non-polymer alpha-D-mannopyranose
11 water water
#
_entity_poly.entity_id   1
_entity_poly.type   'polypeptide(L)'
_entity_poly.pdbx_seq_one_letter_code
;MLFRAVLLCAALGLSQAANHHHHHHPCCSNPCQNRGECMSTGFDQYKCDCTRTGFYGENCTTPEFLTRIKLLLKPTPNTV
HYILTHFKGVWNIVNNIPFLRSLIMKYVLTSRSYLIDSPPTYNVHYGYKSWEAFSNLSYYTRALPPVADDCPTPMGVKGN
KELPDSKEVLEKVLLRREFIPDPQGSNMMFAFFAQHFTHQFFKTDHKRGPGFTRGLGHGVDLNHIYGETLDRQHKLRLFK
DGKLKYQVIGGEVYPPTVKDTQVEMIYPPHIPENLQFAVGQEVFGLVPGLMMYATIWLREHNRVCDILKQEHPEWGDEQL
FQTSRLILIGETIKIVIEDYVQHLSGYHFKLKFDPELLFNQQFQYQNRIASEFNTLYHWHPLLPDTFNIEDQEYSFKQFL
YNNSILLEHGLTQFVESFTRQIAGRVAGGRNVPIAVQAVAKASIDQSREMKYQSLNEYRKRFSLKPYTSFEELTGEKEMA
AELKALYSDIDVMELYPALLVEKPRPDAIFGETMVELGAPFSLKGLMGNPICSPQYWKPSTFGGEVGFKIINTASIQSLI
CNNVKGCPFTSFNVQDPQPTKTATIAASASHSRLDDINPTVLIKRRSTEL
;
_entity_poly.pdbx_strand_id   A,B
#
# COMPACT_ATOMS: atom_id res chain seq x y z
N HIS A 24 -1.97 -25.29 -26.70
CA HIS A 24 -1.73 -24.94 -25.26
C HIS A 24 -0.64 -23.86 -25.14
N HIS A 25 -0.49 -23.30 -23.93
CA HIS A 25 0.36 -22.14 -23.66
C HIS A 25 1.86 -22.39 -23.87
N PRO A 26 2.53 -21.50 -24.64
CA PRO A 26 3.96 -21.60 -24.92
C PRO A 26 4.84 -21.61 -23.68
N CYS A 27 4.40 -20.95 -22.62
CA CYS A 27 5.22 -20.77 -21.43
C CYS A 27 5.09 -21.90 -20.40
N CYS A 28 4.39 -22.98 -20.75
CA CYS A 28 4.14 -24.10 -19.83
C CYS A 28 5.41 -24.75 -19.32
N SER A 29 6.43 -24.83 -20.15
CA SER A 29 7.68 -25.49 -19.79
C SER A 29 8.46 -24.70 -18.75
N ASN A 30 7.98 -23.48 -18.47
CA ASN A 30 8.70 -22.48 -17.67
C ASN A 30 10.13 -22.30 -18.22
N PRO A 31 10.24 -21.90 -19.50
CA PRO A 31 11.54 -21.85 -20.17
C PRO A 31 12.47 -20.74 -19.65
N CYS A 32 11.91 -19.61 -19.21
CA CYS A 32 12.70 -18.47 -18.76
C CYS A 32 13.35 -18.67 -17.39
N GLN A 33 14.65 -18.48 -17.34
CA GLN A 33 15.40 -18.72 -16.11
C GLN A 33 15.72 -17.41 -15.39
N ASN A 34 16.21 -17.52 -14.17
CA ASN A 34 16.80 -16.41 -13.44
C ASN A 34 15.91 -15.19 -13.26
N ARG A 35 14.63 -15.45 -12.98
CA ARG A 35 13.62 -14.42 -12.72
C ARG A 35 13.23 -13.55 -13.91
N GLY A 36 13.56 -14.00 -15.12
CA GLY A 36 13.12 -13.34 -16.35
C GLY A 36 11.68 -13.69 -16.57
N GLU A 37 10.96 -12.86 -17.33
CA GLU A 37 9.51 -13.06 -17.51
C GLU A 37 9.13 -13.65 -18.87
N CYS A 38 8.35 -14.72 -18.83
CA CYS A 38 7.87 -15.38 -20.03
C CYS A 38 6.60 -14.73 -20.54
N MET A 39 6.59 -14.39 -21.83
CA MET A 39 5.41 -13.84 -22.47
C MET A 39 5.19 -14.57 -23.78
N SER A 40 4.00 -15.08 -24.02
CA SER A 40 3.74 -15.74 -25.30
C SER A 40 3.79 -14.73 -26.42
N THR A 41 4.29 -15.13 -27.59
CA THR A 41 4.32 -14.22 -28.75
C THR A 41 3.48 -14.64 -29.95
N GLY A 42 3.22 -15.93 -30.07
CA GLY A 42 2.26 -16.40 -31.04
C GLY A 42 1.51 -17.51 -30.37
N PHE A 43 0.87 -18.34 -31.18
CA PHE A 43 0.19 -19.52 -30.68
C PHE A 43 1.18 -20.59 -30.21
N ASP A 44 2.38 -20.60 -30.80
CA ASP A 44 3.39 -21.63 -30.50
C ASP A 44 4.75 -21.06 -30.11
N GLN A 45 4.88 -19.73 -30.11
CA GLN A 45 6.15 -19.07 -29.79
C GLN A 45 6.10 -18.22 -28.48
N TYR A 46 7.26 -18.00 -27.87
CA TYR A 46 7.35 -17.21 -26.65
C TYR A 46 8.57 -16.30 -26.66
N LYS A 47 8.58 -15.27 -25.82
CA LYS A 47 9.75 -14.41 -25.66
C LYS A 47 10.03 -14.28 -24.17
N CYS A 48 11.29 -14.38 -23.76
CA CYS A 48 11.64 -14.06 -22.38
C CYS A 48 11.97 -12.60 -22.30
N ASP A 49 11.67 -12.01 -21.15
CA ASP A 49 12.03 -10.64 -20.85
C ASP A 49 13.08 -10.72 -19.76
N CYS A 50 14.31 -10.36 -20.09
CA CYS A 50 15.42 -10.54 -19.15
C CYS A 50 15.81 -9.26 -18.40
N THR A 51 14.92 -8.27 -18.45
CA THR A 51 15.17 -6.97 -17.82
C THR A 51 15.63 -7.08 -16.36
N ARG A 52 16.81 -6.53 -16.11
CA ARG A 52 17.42 -6.42 -14.79
C ARG A 52 17.64 -7.74 -14.07
N THR A 53 17.58 -8.85 -14.80
CA THR A 53 17.89 -10.18 -14.24
C THR A 53 19.39 -10.38 -14.10
N GLY A 54 20.16 -9.61 -14.88
CA GLY A 54 21.61 -9.77 -14.95
C GLY A 54 22.02 -10.91 -15.88
N PHE A 55 21.08 -11.35 -16.70
CA PHE A 55 21.30 -12.41 -17.66
C PHE A 55 20.71 -11.97 -19.01
N TYR A 56 21.11 -12.62 -20.11
CA TYR A 56 20.50 -12.33 -21.42
C TYR A 56 20.40 -13.59 -22.28
N GLY A 57 19.98 -13.43 -23.53
CA GLY A 57 19.82 -14.58 -24.42
C GLY A 57 18.43 -15.17 -24.35
N GLU A 58 18.11 -16.06 -25.28
CA GLU A 58 16.75 -16.58 -25.48
C GLU A 58 15.97 -16.91 -24.19
N ASN A 59 16.65 -17.51 -23.20
CA ASN A 59 16.02 -17.99 -21.96
C ASN A 59 16.58 -17.36 -20.67
N CYS A 60 17.26 -16.21 -20.79
CA CYS A 60 17.95 -15.55 -19.67
C CYS A 60 18.97 -16.43 -18.94
N THR A 61 19.70 -17.25 -19.70
CA THR A 61 20.63 -18.25 -19.17
C THR A 61 22.10 -17.85 -19.25
N THR A 62 22.42 -16.84 -20.05
CA THR A 62 23.79 -16.34 -20.21
C THR A 62 24.03 -15.09 -19.33
N PRO A 63 24.94 -15.19 -18.35
CA PRO A 63 25.23 -14.07 -17.43
C PRO A 63 26.04 -12.93 -18.04
N GLU A 64 25.70 -11.70 -17.66
CA GLU A 64 26.54 -10.54 -17.90
C GLU A 64 27.88 -10.79 -17.19
N PHE A 65 28.88 -9.98 -17.49
CA PHE A 65 30.22 -10.22 -16.93
C PHE A 65 30.24 -10.06 -15.40
N LEU A 66 29.75 -8.92 -14.91
CA LEU A 66 29.71 -8.62 -13.47
C LEU A 66 28.84 -9.61 -12.68
N THR A 67 27.86 -10.22 -13.35
CA THR A 67 27.00 -11.26 -12.77
C THR A 67 27.81 -12.51 -12.42
N ARG A 68 28.67 -12.92 -13.35
CA ARG A 68 29.53 -14.11 -13.20
C ARG A 68 30.52 -13.95 -12.05
N ILE A 69 31.08 -12.74 -11.89
CA ILE A 69 31.92 -12.42 -10.73
C ILE A 69 31.12 -12.52 -9.43
N LYS A 70 29.97 -11.85 -9.38
CA LYS A 70 29.07 -11.87 -8.21
C LYS A 70 28.56 -13.27 -7.83
N LEU A 71 28.32 -14.14 -8.83
CA LEU A 71 27.92 -15.54 -8.59
C LEU A 71 29.04 -16.46 -8.10
N LEU A 72 30.24 -16.33 -8.69
CA LEU A 72 31.39 -17.08 -8.19
C LEU A 72 31.62 -16.76 -6.71
N LEU A 73 31.67 -15.47 -6.38
CA LEU A 73 31.86 -15.01 -4.98
C LEU A 73 30.76 -15.44 -3.98
N LYS A 74 29.50 -15.12 -4.30
CA LYS A 74 28.37 -15.33 -3.36
C LYS A 74 28.32 -16.76 -2.84
N PRO A 75 28.35 -16.92 -1.50
CA PRO A 75 28.38 -18.25 -0.90
C PRO A 75 26.99 -18.87 -0.89
N THR A 76 26.94 -20.20 -0.84
CA THR A 76 25.68 -20.97 -0.81
C THR A 76 24.95 -20.82 0.54
N PRO A 77 23.60 -20.96 0.56
CA PRO A 77 22.85 -20.77 1.80
C PRO A 77 23.20 -21.74 2.94
N ASN A 78 23.49 -23.00 2.61
CA ASN A 78 23.97 -23.97 3.61
C ASN A 78 25.31 -23.59 4.23
N THR A 79 26.10 -22.85 3.46
CA THR A 79 27.40 -22.37 3.92
C THR A 79 27.17 -21.24 4.94
N VAL A 80 26.47 -20.19 4.51
CA VAL A 80 26.11 -19.06 5.38
C VAL A 80 25.41 -19.52 6.67
N HIS A 81 24.54 -20.54 6.57
CA HIS A 81 23.88 -21.12 7.74
C HIS A 81 24.88 -21.69 8.74
N TYR A 82 25.78 -22.55 8.24
CA TYR A 82 26.84 -23.15 9.06
C TYR A 82 27.64 -22.10 9.83
N ILE A 83 28.10 -21.09 9.09
CA ILE A 83 28.83 -19.97 9.66
C ILE A 83 28.06 -19.38 10.83
N LEU A 84 26.77 -19.14 10.62
CA LEU A 84 25.93 -18.50 11.64
C LEU A 84 25.61 -19.41 12.82
N THR A 85 25.74 -20.72 12.64
CA THR A 85 25.44 -21.68 13.71
C THR A 85 26.67 -22.31 14.34
N HIS A 86 27.84 -21.82 13.96
CA HIS A 86 29.10 -22.30 14.51
C HIS A 86 29.95 -21.11 14.92
N PHE A 87 31.17 -21.37 15.40
CA PHE A 87 32.08 -20.33 15.84
C PHE A 87 31.47 -19.45 16.93
N LYS A 88 30.84 -20.07 17.94
CA LYS A 88 30.26 -19.29 19.05
C LYS A 88 31.21 -18.16 19.42
N GLY A 89 32.46 -18.51 19.74
CA GLY A 89 33.48 -17.54 20.10
C GLY A 89 33.43 -16.24 19.32
N VAL A 90 33.61 -16.36 18.01
CA VAL A 90 33.64 -15.19 17.12
C VAL A 90 32.36 -14.35 17.26
N TRP A 91 31.21 -15.03 17.29
CA TRP A 91 29.91 -14.32 17.37
C TRP A 91 29.75 -13.53 18.64
N ASN A 92 30.20 -14.08 19.77
CA ASN A 92 30.20 -13.34 21.03
C ASN A 92 30.94 -12.00 20.93
N ILE A 93 32.05 -11.98 20.19
CA ILE A 93 32.72 -10.72 19.86
C ILE A 93 31.76 -9.84 19.04
N VAL A 94 31.21 -10.37 17.95
CA VAL A 94 30.31 -9.62 17.06
C VAL A 94 29.08 -9.10 17.81
N ASN A 95 28.38 -9.99 18.50
CA ASN A 95 27.19 -9.65 19.29
C ASN A 95 27.35 -8.44 20.19
N ASN A 96 28.59 -8.12 20.55
CA ASN A 96 28.87 -7.09 21.54
C ASN A 96 29.52 -5.82 21.02
N ILE A 97 29.86 -5.81 19.73
CA ILE A 97 30.24 -4.57 19.06
C ILE A 97 29.02 -4.09 18.26
N PRO A 98 28.29 -3.08 18.79
CA PRO A 98 27.04 -2.59 18.19
C PRO A 98 27.12 -2.32 16.68
N PHE A 99 28.05 -1.45 16.27
CA PHE A 99 28.35 -1.20 14.84
C PHE A 99 28.36 -2.48 14.00
N LEU A 100 29.02 -3.51 14.51
CA LEU A 100 29.26 -4.73 13.77
C LEU A 100 27.99 -5.58 13.69
N ARG A 101 27.24 -5.62 14.78
CA ARG A 101 25.98 -6.38 14.87
C ARG A 101 24.93 -5.76 13.94
N SER A 102 24.82 -4.44 14.00
CA SER A 102 23.97 -3.66 13.12
C SER A 102 24.26 -3.97 11.66
N LEU A 103 25.54 -4.10 11.31
CA LEU A 103 25.94 -4.33 9.92
C LEU A 103 25.50 -5.71 9.44
N ILE A 104 25.69 -6.72 10.28
CA ILE A 104 25.31 -8.09 9.96
C ILE A 104 23.79 -8.15 9.80
N MET A 105 23.06 -7.61 10.77
CA MET A 105 21.59 -7.61 10.72
C MET A 105 21.10 -6.92 9.45
N LYS A 106 21.71 -5.79 9.11
CA LYS A 106 21.43 -5.07 7.87
C LYS A 106 21.58 -5.96 6.61
N TYR A 107 22.64 -6.78 6.57
CA TYR A 107 22.82 -7.71 5.45
C TYR A 107 21.70 -8.75 5.39
N VAL A 108 21.39 -9.35 6.54
CA VAL A 108 20.30 -10.33 6.67
C VAL A 108 19.00 -9.74 6.11
N LEU A 109 18.65 -8.53 6.56
CA LEU A 109 17.41 -7.88 6.14
C LEU A 109 17.30 -7.60 4.64
N THR A 110 18.37 -7.05 4.05
CA THR A 110 18.34 -6.63 2.65
C THR A 110 18.42 -7.79 1.66
N SER A 111 19.33 -8.74 1.90
CA SER A 111 19.49 -9.90 1.02
C SER A 111 18.22 -10.75 0.91
N ARG A 112 17.57 -10.98 2.05
CA ARG A 112 16.26 -11.65 2.09
C ARG A 112 15.20 -10.84 1.34
N SER A 113 15.20 -9.53 1.56
CA SER A 113 14.13 -8.65 1.11
C SER A 113 13.96 -8.58 -0.40
N TYR A 114 15.06 -8.44 -1.12
CA TYR A 114 14.96 -8.21 -2.55
C TYR A 114 14.63 -9.50 -3.33
N LEU A 115 14.19 -10.53 -2.62
CA LEU A 115 13.70 -11.76 -3.24
C LEU A 115 12.16 -11.76 -3.40
N ILE A 116 11.52 -10.71 -2.91
CA ILE A 116 10.06 -10.60 -2.88
C ILE A 116 9.62 -9.50 -3.84
N ASP A 117 8.62 -9.78 -4.68
CA ASP A 117 8.02 -8.75 -5.53
C ASP A 117 7.19 -7.79 -4.67
N SER A 118 7.61 -6.52 -4.63
CA SER A 118 6.91 -5.48 -3.85
C SER A 118 7.03 -4.10 -4.50
N PRO A 119 5.90 -3.48 -4.91
CA PRO A 119 4.51 -3.92 -4.92
C PRO A 119 4.31 -5.25 -5.62
N PRO A 120 3.32 -6.05 -5.17
CA PRO A 120 3.12 -7.43 -5.58
C PRO A 120 2.61 -7.58 -7.01
N THR A 121 2.70 -8.80 -7.52
CA THR A 121 2.46 -9.07 -8.94
C THR A 121 1.34 -10.08 -9.18
N TYR A 122 1.70 -11.36 -9.19
CA TYR A 122 0.79 -12.43 -9.57
C TYR A 122 -0.22 -12.83 -8.47
N ASN A 123 -1.35 -13.40 -8.90
CA ASN A 123 -2.22 -14.19 -8.00
C ASN A 123 -2.84 -15.41 -8.68
N VAL A 124 -3.62 -16.19 -7.94
CA VAL A 124 -4.21 -17.44 -8.48
C VAL A 124 -4.86 -17.25 -9.87
N HIS A 125 -5.45 -16.08 -10.10
CA HIS A 125 -6.16 -15.85 -11.35
C HIS A 125 -5.35 -15.09 -12.39
N TYR A 126 -4.19 -14.57 -12.01
CA TYR A 126 -3.42 -13.77 -12.95
C TYR A 126 -1.98 -14.21 -12.96
N GLY A 127 -1.60 -14.90 -14.04
CA GLY A 127 -0.18 -15.26 -14.28
C GLY A 127 0.60 -14.16 -15.02
N TYR A 128 -0.07 -13.07 -15.32
CA TYR A 128 0.58 -11.86 -15.87
C TYR A 128 0.20 -10.71 -14.94
N LYS A 129 1.02 -9.67 -14.93
N LYS A 129 1.01 -9.66 -14.96
CA LYS A 129 0.76 -8.53 -14.05
CA LYS A 129 0.79 -8.52 -14.08
C LYS A 129 -0.43 -7.77 -14.59
C LYS A 129 -0.43 -7.76 -14.59
N SER A 130 -1.27 -7.28 -13.69
CA SER A 130 -2.50 -6.57 -14.07
C SER A 130 -3.00 -5.71 -12.95
N TRP A 131 -3.82 -4.72 -13.27
CA TRP A 131 -4.35 -3.88 -12.22
C TRP A 131 -5.26 -4.66 -11.27
N GLU A 132 -5.96 -5.65 -11.80
CA GLU A 132 -6.81 -6.46 -10.94
C GLU A 132 -5.95 -7.14 -9.89
N ALA A 133 -4.86 -7.78 -10.33
CA ALA A 133 -4.00 -8.54 -9.42
C ALA A 133 -3.39 -7.63 -8.37
N PHE A 134 -2.94 -6.46 -8.79
CA PHE A 134 -2.38 -5.50 -7.85
C PHE A 134 -3.39 -4.97 -6.83
N SER A 135 -4.52 -4.48 -7.32
CA SER A 135 -5.40 -3.64 -6.50
C SER A 135 -6.40 -4.37 -5.61
N ASN A 136 -6.73 -5.62 -5.96
CA ASN A 136 -7.70 -6.41 -5.22
C ASN A 136 -7.07 -7.11 -4.03
N LEU A 137 -7.32 -6.59 -2.83
CA LEU A 137 -6.67 -7.10 -1.63
C LEU A 137 -7.26 -8.41 -1.13
N SER A 138 -8.30 -8.90 -1.80
CA SER A 138 -8.92 -10.16 -1.43
C SER A 138 -8.09 -11.36 -1.79
N TYR A 139 -7.22 -11.22 -2.76
CA TYR A 139 -6.39 -12.33 -3.15
C TYR A 139 -5.17 -12.35 -2.25
N TYR A 140 -4.69 -13.55 -1.93
CA TYR A 140 -3.29 -13.71 -1.56
C TYR A 140 -2.49 -13.42 -2.82
N THR A 141 -1.35 -12.75 -2.68
CA THR A 141 -0.46 -12.61 -3.82
C THR A 141 0.24 -13.94 -4.08
N ARG A 142 1.06 -13.98 -5.13
CA ARG A 142 1.76 -15.22 -5.52
C ARG A 142 3.22 -14.95 -5.87
N ALA A 143 4.09 -15.80 -5.35
CA ALA A 143 5.53 -15.68 -5.59
C ALA A 143 5.89 -16.11 -7.03
N LEU A 144 5.22 -17.16 -7.51
CA LEU A 144 5.29 -17.62 -8.88
C LEU A 144 3.89 -17.70 -9.45
N PRO A 145 3.73 -17.39 -10.76
CA PRO A 145 2.42 -17.41 -11.41
C PRO A 145 1.82 -18.79 -11.38
N PRO A 146 0.50 -18.91 -11.49
CA PRO A 146 0.01 -20.28 -11.57
C PRO A 146 0.36 -20.96 -12.89
N VAL A 147 0.48 -22.28 -12.87
CA VAL A 147 0.55 -23.04 -14.11
C VAL A 147 -0.73 -22.79 -14.91
N ALA A 148 -0.59 -22.49 -16.20
CA ALA A 148 -1.73 -22.12 -17.08
C ALA A 148 -2.80 -23.20 -17.16
N ASP A 149 -4.06 -22.77 -17.22
CA ASP A 149 -5.23 -23.67 -17.14
C ASP A 149 -5.23 -24.77 -18.21
N ASP A 150 -4.35 -24.66 -19.21
CA ASP A 150 -4.36 -25.60 -20.36
C ASP A 150 -3.06 -26.37 -20.70
N CYS A 151 -2.07 -26.38 -19.80
CA CYS A 151 -0.84 -27.15 -20.00
C CYS A 151 -1.11 -28.64 -20.10
N PRO A 152 -0.23 -29.39 -20.77
CA PRO A 152 -0.50 -30.81 -20.93
C PRO A 152 -0.48 -31.56 -19.60
N THR A 153 0.41 -31.19 -18.70
CA THR A 153 0.49 -31.85 -17.41
C THR A 153 0.28 -30.86 -16.26
N PRO A 154 -0.08 -31.36 -15.06
CA PRO A 154 -0.40 -30.50 -13.92
C PRO A 154 0.73 -29.53 -13.58
N MET A 155 1.97 -29.97 -13.76
CA MET A 155 3.13 -29.19 -13.36
C MET A 155 3.76 -28.39 -14.47
N GLY A 156 3.14 -28.43 -15.64
CA GLY A 156 3.69 -27.80 -16.85
C GLY A 156 3.69 -28.77 -18.02
N VAL A 157 4.86 -29.31 -18.34
CA VAL A 157 5.00 -30.29 -19.43
C VAL A 157 5.54 -31.66 -18.96
N LYS A 158 6.37 -31.66 -17.91
CA LYS A 158 6.99 -32.88 -17.38
C LYS A 158 6.03 -33.71 -16.52
N GLY A 159 6.32 -35.01 -16.39
CA GLY A 159 5.49 -35.91 -15.56
C GLY A 159 4.24 -36.45 -16.23
N ASN A 160 3.40 -37.13 -15.45
CA ASN A 160 2.20 -37.79 -15.96
C ASN A 160 1.01 -36.85 -16.10
N LYS A 161 -0.06 -37.30 -16.77
CA LYS A 161 -1.28 -36.49 -16.98
C LYS A 161 -1.96 -36.12 -15.64
N GLU A 162 -1.83 -37.02 -14.66
CA GLU A 162 -2.33 -36.78 -13.30
C GLU A 162 -1.17 -36.84 -12.28
N LEU A 163 -1.30 -36.06 -11.21
CA LEU A 163 -0.38 -36.15 -10.08
C LEU A 163 -0.77 -37.35 -9.22
N PRO A 164 0.16 -37.83 -8.38
CA PRO A 164 -0.21 -38.98 -7.56
C PRO A 164 -1.40 -38.66 -6.69
N ASP A 165 -2.17 -39.68 -6.32
CA ASP A 165 -3.28 -39.47 -5.39
C ASP A 165 -2.76 -38.81 -4.10
N SER A 166 -3.44 -37.77 -3.65
CA SER A 166 -2.97 -37.02 -2.48
C SER A 166 -2.99 -37.83 -1.17
N LYS A 167 -4.00 -38.70 -0.97
CA LYS A 167 -4.04 -39.53 0.24
C LYS A 167 -2.82 -40.44 0.30
N GLU A 168 -2.38 -40.90 -0.87
CA GLU A 168 -1.27 -41.83 -0.96
C GLU A 168 0.04 -41.13 -0.63
N VAL A 169 0.20 -39.91 -1.12
CA VAL A 169 1.36 -39.07 -0.80
C VAL A 169 1.40 -38.83 0.70
N LEU A 170 0.26 -38.46 1.26
CA LEU A 170 0.09 -38.23 2.69
C LEU A 170 0.51 -39.44 3.52
N GLU A 171 -0.05 -40.60 3.19
CA GLU A 171 0.14 -41.81 4.00
C GLU A 171 1.55 -42.37 3.92
N LYS A 172 2.12 -42.40 2.74
CA LYS A 172 3.43 -43.00 2.56
C LYS A 172 4.55 -42.18 3.20
N VAL A 173 4.44 -40.86 3.20
CA VAL A 173 5.58 -40.02 3.60
C VAL A 173 5.30 -38.87 4.56
N LEU A 174 4.04 -38.52 4.78
CA LEU A 174 3.71 -37.44 5.69
C LEU A 174 3.22 -37.87 7.07
N LEU A 175 2.28 -38.83 7.12
CA LEU A 175 1.69 -39.25 8.39
C LEU A 175 2.72 -39.80 9.36
N ARG A 176 2.43 -39.64 10.64
CA ARG A 176 3.39 -39.95 11.68
C ARG A 176 3.21 -41.38 12.19
N ARG A 177 4.33 -42.08 12.30
CA ARG A 177 4.37 -43.39 12.91
C ARG A 177 4.69 -43.18 14.40
N GLU A 178 5.94 -43.29 14.81
CA GLU A 178 6.32 -42.82 16.13
C GLU A 178 6.46 -41.30 16.04
N PHE A 179 6.07 -40.60 17.10
CA PHE A 179 6.29 -39.15 17.20
C PHE A 179 7.77 -38.84 17.11
N ILE A 180 8.12 -37.81 16.33
CA ILE A 180 9.53 -37.39 16.22
C ILE A 180 9.71 -36.03 16.88
N PRO A 181 10.46 -35.99 17.99
CA PRO A 181 10.76 -34.76 18.72
C PRO A 181 11.65 -33.82 17.93
N ASP A 182 11.40 -32.52 18.08
CA ASP A 182 12.22 -31.49 17.45
C ASP A 182 13.57 -31.45 18.12
N PRO A 183 14.65 -31.66 17.35
CA PRO A 183 16.00 -31.64 17.94
C PRO A 183 16.42 -30.26 18.43
N GLN A 184 15.78 -29.19 17.95
CA GLN A 184 16.07 -27.86 18.46
C GLN A 184 15.36 -27.60 19.78
N GLY A 185 14.43 -28.49 20.14
CA GLY A 185 13.70 -28.40 21.41
C GLY A 185 12.58 -27.35 21.52
N SER A 186 12.02 -26.95 20.40
CA SER A 186 10.87 -26.06 20.40
C SER A 186 9.79 -26.67 21.26
N ASN A 187 9.21 -25.87 22.14
CA ASN A 187 8.13 -26.35 22.99
C ASN A 187 6.73 -25.99 22.47
N MET A 188 5.70 -26.30 23.27
CA MET A 188 4.35 -25.92 22.96
C MET A 188 4.11 -24.42 23.05
N MET A 189 4.92 -23.69 23.84
CA MET A 189 4.77 -22.24 23.91
C MET A 189 5.09 -21.62 22.57
N PHE A 190 6.10 -22.22 21.92
CA PHE A 190 6.49 -21.82 20.60
C PHE A 190 5.38 -22.15 19.58
N ALA A 191 4.93 -23.40 19.60
CA ALA A 191 3.98 -23.88 18.62
C ALA A 191 2.72 -23.02 18.62
N PHE A 192 2.14 -22.81 19.80
CA PHE A 192 0.92 -22.05 19.87
C PHE A 192 1.17 -20.59 19.58
N PHE A 193 2.35 -20.08 19.94
CA PHE A 193 2.69 -18.73 19.52
C PHE A 193 2.70 -18.62 18.00
N ALA A 194 3.31 -19.59 17.33
CA ALA A 194 3.35 -19.62 15.87
C ALA A 194 1.95 -19.60 15.29
N GLN A 195 1.09 -20.46 15.81
CA GLN A 195 -0.26 -20.54 15.29
C GLN A 195 -0.99 -19.22 15.53
N HIS A 196 -0.96 -18.75 16.78
CA HIS A 196 -1.63 -17.50 17.14
C HIS A 196 -1.16 -16.32 16.28
N PHE A 197 0.15 -16.22 16.09
CA PHE A 197 0.73 -15.09 15.38
C PHE A 197 0.33 -15.11 13.91
N THR A 198 0.57 -16.25 13.25
CA THR A 198 0.37 -16.36 11.80
C THR A 198 -1.10 -16.26 11.40
N HIS A 199 -1.99 -16.65 12.30
CA HIS A 199 -3.39 -16.59 12.01
C HIS A 199 -4.00 -15.18 12.02
N GLN A 200 -3.20 -14.14 12.23
CA GLN A 200 -3.72 -12.80 11.91
C GLN A 200 -3.69 -12.51 10.40
N PHE A 201 -2.74 -13.13 9.68
CA PHE A 201 -2.59 -12.91 8.23
C PHE A 201 -2.75 -14.13 7.34
N PHE A 202 -2.93 -15.31 7.93
CA PHE A 202 -3.43 -16.43 7.18
C PHE A 202 -4.87 -16.64 7.60
N LYS A 203 -5.78 -15.98 6.91
CA LYS A 203 -7.22 -16.15 7.15
C LYS A 203 -7.90 -16.42 5.82
N THR A 204 -7.73 -17.64 5.31
CA THR A 204 -8.27 -17.98 4.00
C THR A 204 -9.79 -17.88 3.96
N ASP A 205 -10.30 -17.20 2.93
CA ASP A 205 -11.72 -16.96 2.72
C ASP A 205 -12.32 -18.13 1.96
N HIS A 206 -12.88 -19.09 2.70
CA HIS A 206 -13.30 -20.36 2.11
C HIS A 206 -14.56 -20.27 1.22
N LYS A 207 -15.48 -19.34 1.56
CA LYS A 207 -16.59 -18.98 0.64
C LYS A 207 -16.04 -18.78 -0.79
N ARG A 208 -14.98 -18.00 -0.90
CA ARG A 208 -14.40 -17.65 -2.20
C ARG A 208 -13.48 -18.72 -2.80
N GLY A 209 -12.60 -19.28 -1.99
CA GLY A 209 -11.61 -20.23 -2.49
C GLY A 209 -10.25 -20.07 -1.83
N PRO A 210 -9.33 -21.01 -2.08
CA PRO A 210 -8.06 -21.07 -1.37
C PRO A 210 -7.14 -19.89 -1.64
N GLY A 211 -7.29 -19.28 -2.81
CA GLY A 211 -6.44 -18.17 -3.21
C GLY A 211 -6.87 -16.84 -2.61
N PHE A 212 -7.91 -16.85 -1.79
CA PHE A 212 -8.45 -15.62 -1.24
C PHE A 212 -8.18 -15.47 0.24
N THR A 213 -8.27 -14.25 0.75
CA THR A 213 -8.02 -13.97 2.15
C THR A 213 -9.04 -13.00 2.80
N ARG A 214 -9.30 -13.19 4.09
CA ARG A 214 -10.10 -12.30 4.91
C ARG A 214 -9.21 -11.27 5.61
N GLY A 215 -7.89 -11.53 5.61
CA GLY A 215 -6.90 -10.65 6.22
C GLY A 215 -6.37 -9.56 5.30
N LEU A 216 -7.21 -8.53 5.07
CA LEU A 216 -6.89 -7.47 4.10
C LEU A 216 -5.84 -6.47 4.60
N GLY A 217 -5.42 -6.65 5.86
CA GLY A 217 -4.32 -5.85 6.42
C GLY A 217 -2.99 -6.32 5.88
N HIS A 218 -2.95 -7.59 5.47
CA HIS A 218 -1.79 -8.19 4.81
C HIS A 218 -0.53 -8.05 5.65
N GLY A 219 -0.62 -8.46 6.91
CA GLY A 219 0.54 -8.30 7.78
C GLY A 219 0.22 -8.21 9.25
N VAL A 220 1.16 -7.63 10.00
CA VAL A 220 1.05 -7.56 11.43
C VAL A 220 0.26 -6.32 11.80
N ASP A 221 -1.07 -6.47 11.82
CA ASP A 221 -1.95 -5.39 12.25
C ASP A 221 -2.73 -5.75 13.52
N LEU A 222 -2.43 -6.91 14.07
CA LEU A 222 -3.08 -7.44 15.28
C LEU A 222 -4.62 -7.50 15.19
N ASN A 223 -5.12 -7.86 14.01
CA ASN A 223 -6.56 -8.00 13.82
C ASN A 223 -7.10 -9.25 14.50
N HIS A 224 -6.20 -10.08 15.01
CA HIS A 224 -6.60 -11.28 15.74
C HIS A 224 -6.78 -10.95 17.22
N ILE A 225 -6.43 -9.73 17.58
CA ILE A 225 -6.71 -9.22 18.89
C ILE A 225 -7.84 -8.19 18.80
N TYR A 226 -7.74 -7.28 17.82
CA TYR A 226 -8.63 -6.13 17.74
C TYR A 226 -9.83 -6.32 16.80
N GLY A 227 -9.72 -7.28 15.90
CA GLY A 227 -10.78 -7.52 14.91
C GLY A 227 -10.48 -6.88 13.57
N GLU A 228 -10.90 -7.57 12.51
CA GLU A 228 -10.65 -7.13 11.14
C GLU A 228 -11.42 -5.85 10.81
N THR A 229 -12.72 -5.86 11.06
CA THR A 229 -13.55 -4.69 10.76
C THR A 229 -13.72 -3.79 11.98
N LEU A 230 -14.11 -2.55 11.73
CA LEU A 230 -14.40 -1.58 12.76
C LEU A 230 -15.61 -1.98 13.61
N ASP A 231 -16.60 -2.62 12.99
CA ASP A 231 -17.79 -3.06 13.74
C ASP A 231 -17.39 -4.06 14.83
N ARG A 232 -16.51 -4.99 14.49
CA ARG A 232 -15.97 -5.96 15.45
C ARG A 232 -15.09 -5.31 16.56
N GLN A 233 -14.22 -4.39 16.16
CA GLN A 233 -13.37 -3.67 17.11
C GLN A 233 -14.23 -2.96 18.15
N HIS A 234 -15.19 -2.17 17.68
CA HIS A 234 -16.06 -1.43 18.58
C HIS A 234 -16.89 -2.34 19.49
N LYS A 235 -17.14 -3.57 19.05
CA LYS A 235 -17.90 -4.49 19.88
C LYS A 235 -17.07 -5.10 20.98
N LEU A 236 -15.74 -5.04 20.83
CA LEU A 236 -14.81 -5.64 21.80
C LEU A 236 -14.19 -4.61 22.70
N ARG A 237 -14.28 -3.33 22.32
CA ARG A 237 -13.70 -2.25 23.09
C ARG A 237 -14.61 -1.87 24.25
N LEU A 238 -14.00 -1.40 25.33
CA LEU A 238 -14.75 -1.05 26.52
C LEU A 238 -15.20 0.40 26.45
N PHE A 239 -14.37 1.23 25.83
CA PHE A 239 -14.57 2.67 25.63
C PHE A 239 -14.26 3.48 26.88
N LYS A 240 -13.44 2.88 27.73
CA LYS A 240 -12.98 3.54 28.93
C LYS A 240 -11.46 3.30 29.01
N ASP A 241 -10.70 4.39 29.05
CA ASP A 241 -9.22 4.32 29.21
C ASP A 241 -8.51 3.49 28.12
N GLY A 242 -9.15 3.36 26.95
CA GLY A 242 -8.59 2.65 25.80
C GLY A 242 -8.74 1.14 25.83
N LYS A 243 -9.36 0.61 26.88
CA LYS A 243 -9.27 -0.82 27.15
C LYS A 243 -10.21 -1.67 26.32
N LEU A 244 -9.84 -2.94 26.16
CA LEU A 244 -10.72 -3.93 25.59
C LEU A 244 -11.59 -4.50 26.68
N LYS A 245 -12.84 -4.79 26.36
CA LYS A 245 -13.74 -5.49 27.27
C LYS A 245 -13.14 -6.81 27.71
N TYR A 246 -13.52 -7.24 28.91
CA TYR A 246 -13.01 -8.48 29.51
C TYR A 246 -13.97 -8.94 30.63
N GLN A 247 -13.70 -10.11 31.18
CA GLN A 247 -14.43 -10.58 32.34
C GLN A 247 -13.50 -11.14 33.42
N VAL A 248 -13.96 -11.12 34.67
CA VAL A 248 -13.15 -11.66 35.76
C VAL A 248 -13.76 -12.95 36.28
N ILE A 249 -13.01 -14.05 36.14
CA ILE A 249 -13.45 -15.36 36.60
C ILE A 249 -12.40 -15.94 37.56
N GLY A 250 -12.82 -16.22 38.79
CA GLY A 250 -11.91 -16.69 39.84
C GLY A 250 -10.81 -15.70 40.12
N GLY A 251 -11.12 -14.41 39.98
CA GLY A 251 -10.16 -13.34 40.24
C GLY A 251 -9.27 -13.04 39.05
N GLU A 252 -9.38 -13.86 38.01
CA GLU A 252 -8.51 -13.76 36.84
C GLU A 252 -9.19 -13.14 35.61
N VAL A 253 -8.45 -12.28 34.89
CA VAL A 253 -8.94 -11.57 33.71
C VAL A 253 -8.98 -12.49 32.47
N TYR A 254 -10.15 -12.56 31.85
CA TYR A 254 -10.38 -13.37 30.68
C TYR A 254 -11.14 -12.55 29.63
N PRO A 255 -11.19 -13.01 28.38
CA PRO A 255 -11.99 -12.29 27.39
C PRO A 255 -13.50 -12.32 27.71
N PRO A 256 -14.27 -11.36 27.17
CA PRO A 256 -15.71 -11.31 27.36
C PRO A 256 -16.40 -12.40 26.56
N THR A 257 -17.71 -12.51 26.66
CA THR A 257 -18.41 -13.60 25.99
C THR A 257 -19.03 -13.15 24.68
N VAL A 258 -19.35 -14.12 23.83
CA VAL A 258 -20.17 -13.86 22.66
C VAL A 258 -21.48 -13.16 23.01
N LYS A 259 -22.18 -13.71 24.01
CA LYS A 259 -23.46 -13.16 24.46
C LYS A 259 -23.32 -11.68 24.84
N ASP A 260 -22.29 -11.38 25.63
CA ASP A 260 -22.02 -10.03 26.15
C ASP A 260 -21.63 -8.99 25.09
N THR A 261 -20.87 -9.40 24.08
CA THR A 261 -20.32 -8.46 23.09
C THR A 261 -21.07 -8.42 21.76
N GLN A 262 -21.73 -9.53 21.43
CA GLN A 262 -22.37 -9.74 20.11
C GLN A 262 -21.35 -9.98 18.98
N VAL A 263 -20.15 -10.41 19.37
CA VAL A 263 -19.09 -10.71 18.42
C VAL A 263 -19.21 -12.18 17.99
N GLU A 264 -19.31 -12.42 16.67
CA GLU A 264 -19.40 -13.79 16.12
C GLU A 264 -18.14 -14.62 16.36
N MET A 265 -18.32 -15.87 16.73
CA MET A 265 -17.22 -16.80 16.96
C MET A 265 -17.59 -18.18 16.44
N ILE A 266 -16.60 -18.95 15.98
CA ILE A 266 -16.84 -20.34 15.58
C ILE A 266 -16.78 -21.22 16.82
N TYR A 267 -17.94 -21.53 17.37
CA TYR A 267 -18.06 -22.56 18.39
C TYR A 267 -19.11 -23.58 17.98
N PRO A 268 -18.88 -24.87 18.30
CA PRO A 268 -19.93 -25.85 18.12
C PRO A 268 -21.02 -25.64 19.18
N PRO A 269 -22.27 -26.02 18.84
CA PRO A 269 -23.48 -25.78 19.66
C PRO A 269 -23.37 -26.20 21.14
N HIS A 270 -22.76 -27.36 21.41
CA HIS A 270 -22.73 -27.90 22.76
C HIS A 270 -21.96 -27.09 23.81
N ILE A 271 -21.41 -25.94 23.43
CA ILE A 271 -20.52 -25.20 24.35
C ILE A 271 -21.30 -24.26 25.25
N PRO A 272 -21.05 -24.32 26.57
CA PRO A 272 -21.60 -23.41 27.57
C PRO A 272 -21.28 -21.95 27.26
N GLU A 273 -22.31 -21.12 27.26
CA GLU A 273 -22.25 -19.72 26.83
C GLU A 273 -21.17 -18.85 27.51
N ASN A 274 -20.75 -19.25 28.70
CA ASN A 274 -19.77 -18.46 29.43
C ASN A 274 -18.34 -18.92 29.14
N LEU A 275 -18.21 -19.98 28.37
CA LEU A 275 -16.91 -20.43 27.85
C LEU A 275 -16.75 -20.10 26.34
N GLN A 276 -17.75 -19.43 25.77
CA GLN A 276 -17.66 -18.88 24.43
C GLN A 276 -17.04 -17.51 24.52
N PHE A 277 -15.71 -17.48 24.67
CA PHE A 277 -14.94 -16.23 24.69
C PHE A 277 -14.92 -15.57 23.33
N ALA A 278 -15.04 -14.25 23.31
CA ALA A 278 -15.01 -13.50 22.06
C ALA A 278 -13.72 -12.70 21.92
N VAL A 279 -12.87 -13.13 21.00
CA VAL A 279 -11.60 -12.44 20.74
C VAL A 279 -11.59 -11.89 19.31
N GLY A 280 -10.51 -11.23 18.94
CA GLY A 280 -10.42 -10.57 17.64
C GLY A 280 -10.56 -11.49 16.45
N GLN A 281 -10.01 -12.68 16.54
CA GLN A 281 -10.03 -13.65 15.47
C GLN A 281 -11.03 -14.79 15.75
N GLU A 282 -12.03 -14.94 14.88
CA GLU A 282 -13.20 -15.79 15.12
C GLU A 282 -12.92 -17.29 15.29
N VAL A 283 -11.72 -17.73 14.94
CA VAL A 283 -11.40 -19.15 15.02
C VAL A 283 -10.70 -19.59 16.32
N PHE A 284 -10.29 -18.63 17.14
CA PHE A 284 -9.40 -18.89 18.29
C PHE A 284 -10.06 -19.62 19.46
N GLY A 285 -11.36 -19.88 19.35
CA GLY A 285 -12.07 -20.65 20.34
C GLY A 285 -11.78 -22.13 20.15
N LEU A 286 -11.48 -22.49 18.91
CA LEU A 286 -11.19 -23.88 18.52
C LEU A 286 -10.17 -24.57 19.40
N VAL A 287 -9.14 -23.82 19.83
CA VAL A 287 -7.98 -24.41 20.52
C VAL A 287 -7.56 -23.64 21.78
N PRO A 288 -7.54 -24.33 22.95
CA PRO A 288 -7.13 -23.67 24.21
C PRO A 288 -5.78 -22.97 24.12
N GLY A 289 -4.81 -23.58 23.42
CA GLY A 289 -3.50 -22.98 23.18
C GLY A 289 -3.62 -21.60 22.57
N LEU A 290 -4.56 -21.45 21.64
CA LEU A 290 -4.81 -20.14 21.04
C LEU A 290 -5.47 -19.19 22.04
N MET A 291 -6.46 -19.70 22.77
CA MET A 291 -7.22 -18.90 23.69
C MET A 291 -6.32 -18.41 24.83
N MET A 292 -5.25 -19.16 25.11
CA MET A 292 -4.25 -18.76 26.09
C MET A 292 -3.59 -17.46 25.64
N TYR A 293 -3.05 -17.46 24.43
CA TYR A 293 -2.43 -16.26 23.88
C TYR A 293 -3.44 -15.14 23.73
N ALA A 294 -4.63 -15.45 23.21
CA ALA A 294 -5.69 -14.44 23.15
C ALA A 294 -5.83 -13.70 24.48
N THR A 295 -5.81 -14.43 25.58
CA THR A 295 -5.96 -13.85 26.92
C THR A 295 -4.72 -13.04 27.33
N ILE A 296 -3.54 -13.60 27.08
CA ILE A 296 -2.30 -12.91 27.39
C ILE A 296 -2.27 -11.55 26.69
N TRP A 297 -2.57 -11.55 25.39
CA TRP A 297 -2.53 -10.33 24.60
C TRP A 297 -3.64 -9.33 24.97
N LEU A 298 -4.76 -9.82 25.45
CA LEU A 298 -5.80 -8.93 25.90
C LEU A 298 -5.30 -8.24 27.18
N ARG A 299 -4.74 -9.04 28.08
CA ARG A 299 -4.14 -8.50 29.32
C ARG A 299 -3.05 -7.48 28.99
N GLU A 300 -2.16 -7.83 28.07
CA GLU A 300 -1.12 -6.90 27.62
C GLU A 300 -1.66 -5.58 27.12
N HIS A 301 -2.73 -5.60 26.31
CA HIS A 301 -3.29 -4.35 25.81
C HIS A 301 -3.70 -3.44 26.96
N ASN A 302 -4.48 -4.01 27.88
CA ASN A 302 -5.03 -3.24 28.98
C ASN A 302 -3.94 -2.77 29.94
N ARG A 303 -2.89 -3.57 30.13
CA ARG A 303 -1.74 -3.11 30.90
C ARG A 303 -1.13 -1.84 30.31
N VAL A 304 -1.03 -1.80 28.98
CA VAL A 304 -0.40 -0.67 28.28
C VAL A 304 -1.32 0.55 28.34
N CYS A 305 -2.63 0.33 28.24
CA CYS A 305 -3.56 1.43 28.45
C CYS A 305 -3.35 2.03 29.84
N ASP A 306 -3.11 1.16 30.83
CA ASP A 306 -2.86 1.59 32.21
C ASP A 306 -1.61 2.45 32.31
N ILE A 307 -0.50 1.97 31.75
CA ILE A 307 0.71 2.75 31.73
C ILE A 307 0.47 4.10 31.04
N LEU A 308 -0.20 4.09 29.90
CA LEU A 308 -0.40 5.31 29.13
C LEU A 308 -1.32 6.31 29.82
N LYS A 309 -2.34 5.81 30.53
CA LYS A 309 -3.28 6.68 31.24
C LYS A 309 -2.57 7.45 32.34
N GLN A 310 -1.49 6.86 32.83
CA GLN A 310 -0.69 7.48 33.87
C GLN A 310 0.21 8.56 33.29
N GLU A 311 0.89 8.25 32.18
CA GLU A 311 1.73 9.23 31.48
C GLU A 311 0.92 10.32 30.78
N HIS A 312 -0.36 10.03 30.50
CA HIS A 312 -1.17 10.97 29.75
C HIS A 312 -2.58 11.13 30.34
N PRO A 313 -2.68 11.75 31.54
CA PRO A 313 -4.00 11.97 32.11
C PRO A 313 -4.92 12.74 31.19
N GLU A 314 -4.35 13.53 30.27
CA GLU A 314 -5.12 14.37 29.33
C GLU A 314 -5.74 13.62 28.13
N TRP A 315 -5.19 12.48 27.74
CA TRP A 315 -5.68 11.72 26.60
C TRP A 315 -7.05 11.14 26.88
N GLY A 316 -7.88 11.06 25.83
CA GLY A 316 -9.19 10.40 25.90
C GLY A 316 -9.10 8.93 25.57
N ASP A 317 -10.25 8.25 25.52
CA ASP A 317 -10.30 6.79 25.27
C ASP A 317 -9.72 6.41 23.92
N GLU A 318 -10.18 7.09 22.87
CA GLU A 318 -9.75 6.82 21.51
C GLU A 318 -8.23 6.78 21.32
N GLN A 319 -7.50 7.78 21.85
CA GLN A 319 -6.06 7.86 21.63
C GLN A 319 -5.33 6.80 22.43
N LEU A 320 -5.83 6.52 23.62
CA LEU A 320 -5.28 5.50 24.49
C LEU A 320 -5.38 4.15 23.79
N PHE A 321 -6.56 3.83 23.27
CA PHE A 321 -6.74 2.61 22.50
C PHE A 321 -5.80 2.55 21.31
N GLN A 322 -5.91 3.55 20.43
CA GLN A 322 -5.10 3.61 19.22
C GLN A 322 -3.61 3.48 19.53
N THR A 323 -3.13 4.26 20.50
CA THR A 323 -1.71 4.21 20.84
C THR A 323 -1.26 2.83 21.34
N SER A 324 -2.03 2.25 22.25
CA SER A 324 -1.68 0.91 22.74
C SER A 324 -1.50 -0.09 21.59
N ARG A 325 -2.42 -0.05 20.62
CA ARG A 325 -2.39 -0.94 19.49
C ARG A 325 -1.07 -0.81 18.75
N LEU A 326 -0.60 0.43 18.57
CA LEU A 326 0.67 0.62 17.90
C LEU A 326 1.82 0.04 18.74
N ILE A 327 1.75 0.23 20.06
CA ILE A 327 2.71 -0.37 20.98
C ILE A 327 2.71 -1.90 20.89
N LEU A 328 1.53 -2.49 20.83
CA LEU A 328 1.44 -3.95 20.72
C LEU A 328 1.95 -4.49 19.38
N ILE A 329 1.67 -3.77 18.28
CA ILE A 329 2.29 -4.09 16.98
C ILE A 329 3.83 -4.17 17.13
N GLY A 330 4.43 -3.09 17.67
CA GLY A 330 5.87 -3.06 17.95
C GLY A 330 6.35 -4.22 18.82
N GLU A 331 5.65 -4.46 19.92
CA GLU A 331 5.98 -5.57 20.79
C GLU A 331 5.97 -6.89 20.01
N THR A 332 4.91 -7.11 19.23
CA THR A 332 4.80 -8.33 18.44
C THR A 332 5.99 -8.49 17.50
N ILE A 333 6.30 -7.44 16.75
CA ILE A 333 7.41 -7.50 15.81
C ILE A 333 8.73 -7.82 16.51
N LYS A 334 8.99 -7.11 17.61
CA LYS A 334 10.16 -7.32 18.45
C LYS A 334 10.26 -8.78 18.93
N ILE A 335 9.20 -9.31 19.53
CA ILE A 335 9.21 -10.69 20.02
C ILE A 335 9.39 -11.66 18.87
N VAL A 336 8.77 -11.35 17.72
CA VAL A 336 8.92 -12.25 16.61
C VAL A 336 10.37 -12.30 16.18
N ILE A 337 10.98 -11.15 15.93
CA ILE A 337 12.38 -11.15 15.51
C ILE A 337 13.34 -11.75 16.57
N GLU A 338 13.42 -11.13 17.74
CA GLU A 338 14.48 -11.44 18.68
C GLU A 338 14.32 -12.71 19.53
N ASP A 339 13.12 -13.28 19.55
CA ASP A 339 12.85 -14.50 20.30
C ASP A 339 12.43 -15.62 19.38
N TYR A 340 11.34 -15.38 18.68
CA TYR A 340 10.71 -16.39 17.84
C TYR A 340 11.57 -16.80 16.65
N VAL A 341 12.03 -15.81 15.89
CA VAL A 341 12.84 -16.12 14.72
C VAL A 341 14.20 -16.59 15.22
N GLN A 342 14.74 -15.85 16.19
CA GLN A 342 15.96 -16.24 16.90
C GLN A 342 15.98 -17.73 17.26
N HIS A 343 14.96 -18.19 17.98
CA HIS A 343 14.85 -19.60 18.34
C HIS A 343 14.90 -20.52 17.11
N LEU A 344 14.13 -20.16 16.09
CA LEU A 344 14.09 -20.97 14.88
C LEU A 344 15.46 -21.05 14.20
N SER A 345 16.13 -19.90 14.13
CA SER A 345 17.37 -19.78 13.38
C SER A 345 18.43 -20.76 13.89
N GLY A 346 18.55 -20.87 15.21
CA GLY A 346 19.62 -21.67 15.81
C GLY A 346 20.93 -20.92 15.79
N TYR A 347 20.90 -19.66 15.33
CA TYR A 347 22.09 -18.81 15.20
C TYR A 347 22.74 -18.48 16.53
N HIS A 348 24.05 -18.26 16.53
CA HIS A 348 24.73 -17.69 17.70
C HIS A 348 24.73 -16.17 17.56
N PHE A 349 24.53 -15.69 16.33
CA PHE A 349 24.37 -14.25 16.09
C PHE A 349 23.03 -13.82 16.68
N LYS A 350 22.98 -12.63 17.25
CA LYS A 350 21.75 -12.16 17.88
C LYS A 350 21.00 -11.16 17.01
N LEU A 351 19.88 -11.60 16.43
CA LEU A 351 19.09 -10.76 15.55
C LEU A 351 18.58 -9.52 16.29
N LYS A 352 18.33 -8.45 15.54
CA LYS A 352 17.97 -7.15 16.10
C LYS A 352 16.73 -6.62 15.39
N PHE A 353 15.75 -6.13 16.14
CA PHE A 353 14.67 -5.40 15.54
C PHE A 353 15.04 -3.96 15.71
N ASP A 354 15.48 -3.35 14.62
CA ASP A 354 15.80 -1.93 14.58
C ASP A 354 15.44 -1.33 13.23
N PRO A 355 14.22 -0.77 13.10
CA PRO A 355 13.81 -0.11 11.88
C PRO A 355 14.88 0.80 11.27
N GLU A 356 15.73 1.39 12.11
CA GLU A 356 16.76 2.34 11.69
C GLU A 356 17.76 1.78 10.69
N LEU A 357 17.93 0.46 10.70
CA LEU A 357 18.86 -0.20 9.80
C LEU A 357 18.44 -0.13 8.34
N LEU A 358 17.19 0.27 8.09
CA LEU A 358 16.67 0.31 6.72
C LEU A 358 16.55 1.70 6.17
N PHE A 359 16.82 2.70 7.02
CA PHE A 359 16.66 4.12 6.66
C PHE A 359 17.60 4.61 5.55
N ASN A 360 18.73 3.94 5.37
CA ASN A 360 19.66 4.25 4.28
C ASN A 360 19.55 3.19 3.16
N GLN A 361 18.36 2.62 2.99
CA GLN A 361 18.16 1.52 2.05
C GLN A 361 16.91 1.69 1.21
N GLN A 362 16.90 1.03 0.06
CA GLN A 362 15.71 1.00 -0.76
C GLN A 362 14.85 -0.10 -0.21
N PHE A 363 13.72 0.27 0.40
CA PHE A 363 12.83 -0.69 1.02
C PHE A 363 11.40 -0.21 0.95
N GLN A 364 10.50 -1.12 0.62
CA GLN A 364 9.09 -0.77 0.47
C GLN A 364 8.36 -1.08 1.76
N TYR A 365 7.78 -0.06 2.36
CA TYR A 365 7.03 -0.23 3.59
C TYR A 365 5.59 -0.65 3.28
N GLN A 366 5.48 -1.79 2.57
CA GLN A 366 4.21 -2.38 2.27
C GLN A 366 4.38 -3.88 2.26
N ASN A 367 3.29 -4.61 2.46
CA ASN A 367 3.33 -6.05 2.39
C ASN A 367 2.11 -6.62 1.68
N ARG A 368 2.25 -7.80 1.08
CA ARG A 368 1.09 -8.55 0.59
C ARG A 368 1.33 -10.02 0.86
N ILE A 369 0.45 -10.66 1.63
CA ILE A 369 0.62 -12.05 2.00
C ILE A 369 0.56 -12.98 0.77
N ALA A 370 1.64 -13.71 0.55
CA ALA A 370 1.70 -14.68 -0.55
C ALA A 370 1.12 -16.03 -0.18
N SER A 371 0.37 -16.59 -1.11
CA SER A 371 -0.19 -17.92 -0.94
C SER A 371 0.89 -18.94 -0.57
N GLU A 372 1.98 -18.98 -1.31
CA GLU A 372 3.07 -19.93 -0.99
C GLU A 372 3.62 -19.80 0.43
N PHE A 373 3.53 -18.60 0.99
CA PHE A 373 3.98 -18.34 2.35
C PHE A 373 3.00 -19.03 3.31
N ASN A 374 1.71 -18.89 3.02
CA ASN A 374 0.67 -19.57 3.76
C ASN A 374 0.90 -21.07 3.72
N THR A 375 1.15 -21.63 2.52
CA THR A 375 1.37 -23.07 2.37
C THR A 375 2.53 -23.57 3.25
N LEU A 376 3.66 -22.88 3.18
CA LEU A 376 4.85 -23.36 3.88
C LEU A 376 4.72 -23.24 5.40
N TYR A 377 3.73 -22.47 5.84
CA TYR A 377 3.58 -22.24 7.27
C TYR A 377 2.63 -23.23 7.92
N HIS A 378 2.21 -24.26 7.18
CA HIS A 378 1.38 -25.33 7.72
C HIS A 378 2.29 -26.29 8.47
N TRP A 379 2.65 -25.89 9.69
CA TRP A 379 3.61 -26.62 10.49
C TRP A 379 2.95 -27.56 11.46
N HIS A 380 2.04 -28.39 10.96
CA HIS A 380 1.33 -29.29 11.83
C HIS A 380 2.16 -30.41 12.46
N PRO A 381 3.29 -30.82 11.83
CA PRO A 381 4.24 -31.74 12.50
C PRO A 381 4.68 -31.29 13.91
N LEU A 382 4.55 -30.01 14.22
CA LEU A 382 4.86 -29.51 15.54
C LEU A 382 3.99 -30.16 16.63
N LEU A 383 2.72 -30.37 16.31
CA LEU A 383 1.73 -30.89 17.27
C LEU A 383 2.07 -32.29 17.84
N PRO A 384 2.00 -32.43 19.17
CA PRO A 384 2.21 -33.70 19.84
C PRO A 384 1.00 -34.64 19.68
N ASP A 385 1.15 -35.88 20.13
CA ASP A 385 0.05 -36.84 20.09
C ASP A 385 -1.00 -36.54 21.16
N THR A 386 -0.53 -36.09 22.33
CA THR A 386 -1.42 -35.65 23.42
C THR A 386 -0.93 -34.33 24.01
N PHE A 387 -1.83 -33.60 24.66
CA PHE A 387 -1.49 -32.31 25.31
C PHE A 387 -1.33 -32.47 26.81
N ASN A 388 -0.10 -32.24 27.30
CA ASN A 388 0.24 -32.51 28.69
C ASN A 388 0.22 -31.29 29.58
N ILE A 389 -0.95 -31.00 30.14
CA ILE A 389 -1.10 -29.89 31.06
C ILE A 389 -1.19 -30.44 32.47
N GLU A 390 -0.35 -29.90 33.35
CA GLU A 390 -0.17 -30.42 34.72
C GLU A 390 0.12 -31.92 34.65
N ASP A 391 -0.74 -32.73 35.25
CA ASP A 391 -0.61 -34.19 35.13
C ASP A 391 -1.75 -34.83 34.34
N GLN A 392 -2.47 -34.02 33.55
CA GLN A 392 -3.41 -34.55 32.57
C GLN A 392 -2.72 -34.73 31.22
N GLU A 393 -3.18 -35.73 30.46
CA GLU A 393 -2.79 -35.93 29.08
C GLU A 393 -4.09 -35.92 28.30
N TYR A 394 -4.24 -34.95 27.41
CA TYR A 394 -5.48 -34.79 26.65
C TYR A 394 -5.34 -35.16 25.19
N SER A 395 -6.23 -36.03 24.74
CA SER A 395 -6.31 -36.38 23.32
C SER A 395 -6.76 -35.15 22.55
N PHE A 396 -6.58 -35.14 21.23
CA PHE A 396 -7.07 -34.04 20.39
C PHE A 396 -8.54 -33.81 20.59
N LYS A 397 -9.32 -34.90 20.61
CA LYS A 397 -10.76 -34.84 20.81
C LYS A 397 -11.08 -34.15 22.14
N GLN A 398 -10.29 -34.45 23.17
CA GLN A 398 -10.42 -33.82 24.47
C GLN A 398 -10.04 -32.35 24.41
N PHE A 399 -8.94 -32.07 23.73
CA PHE A 399 -8.36 -30.73 23.72
C PHE A 399 -9.16 -29.71 22.91
N LEU A 400 -9.49 -30.05 21.67
CA LEU A 400 -10.17 -29.11 20.79
C LEU A 400 -11.46 -28.65 21.42
N TYR A 401 -11.61 -27.33 21.52
CA TYR A 401 -12.84 -26.66 21.96
C TYR A 401 -12.99 -26.48 23.46
N ASN A 402 -12.25 -27.28 24.22
CA ASN A 402 -12.38 -27.35 25.67
C ASN A 402 -11.73 -26.12 26.30
N ASN A 403 -12.47 -25.01 26.32
CA ASN A 403 -11.98 -23.83 26.99
C ASN A 403 -11.99 -23.99 28.50
N SER A 404 -12.66 -25.03 28.98
CA SER A 404 -12.74 -25.26 30.40
C SER A 404 -11.42 -25.79 30.93
N ILE A 405 -10.62 -26.41 30.06
CA ILE A 405 -9.27 -26.84 30.41
C ILE A 405 -8.46 -25.63 30.85
N LEU A 406 -8.59 -24.55 30.11
CA LEU A 406 -7.90 -23.29 30.39
C LEU A 406 -8.34 -22.65 31.72
N LEU A 407 -9.56 -22.96 32.15
CA LEU A 407 -10.04 -22.48 33.43
C LEU A 407 -9.70 -23.44 34.55
N GLU A 408 -9.84 -24.75 34.32
CA GLU A 408 -9.54 -25.74 35.37
C GLU A 408 -8.09 -25.58 35.81
N HIS A 409 -7.19 -25.48 34.84
CA HIS A 409 -5.79 -25.37 35.17
C HIS A 409 -5.35 -23.91 35.39
N GLY A 410 -5.93 -22.98 34.64
CA GLY A 410 -5.50 -21.58 34.68
C GLY A 410 -4.28 -21.27 33.85
N LEU A 411 -4.10 -20.00 33.51
CA LEU A 411 -3.00 -19.61 32.62
C LEU A 411 -1.63 -20.01 33.11
N THR A 412 -1.39 -19.87 34.41
CA THR A 412 -0.04 -20.12 34.94
C THR A 412 0.38 -21.56 34.67
N GLN A 413 -0.48 -22.53 35.01
CA GLN A 413 -0.19 -23.94 34.76
C GLN A 413 -0.05 -24.29 33.26
N PHE A 414 -0.86 -23.65 32.41
CA PHE A 414 -0.70 -23.69 30.96
C PHE A 414 0.70 -23.30 30.51
N VAL A 415 1.16 -22.14 30.96
CA VAL A 415 2.48 -21.63 30.59
C VAL A 415 3.58 -22.59 31.06
N GLU A 416 3.45 -23.08 32.29
CA GLU A 416 4.47 -23.96 32.88
C GLU A 416 4.59 -25.29 32.17
N SER A 417 3.44 -25.84 31.78
CA SER A 417 3.35 -27.14 31.11
C SER A 417 3.77 -27.06 29.65
N PHE A 418 3.32 -26.00 28.99
CA PHE A 418 3.61 -25.82 27.58
C PHE A 418 5.08 -25.50 27.35
N THR A 419 5.70 -24.82 28.31
CA THR A 419 7.14 -24.59 28.31
C THR A 419 7.92 -25.90 28.47
N ARG A 420 7.33 -26.86 29.17
CA ARG A 420 8.02 -28.12 29.37
C ARG A 420 7.80 -29.14 28.24
N GLN A 421 6.64 -29.13 27.59
CA GLN A 421 6.33 -30.14 26.57
C GLN A 421 6.94 -29.84 25.21
N ILE A 422 7.67 -30.80 24.66
CA ILE A 422 8.42 -30.65 23.41
C ILE A 422 7.53 -30.80 22.16
N ALA A 423 7.82 -30.01 21.12
CA ALA A 423 7.09 -30.10 19.84
C ALA A 423 7.75 -31.07 18.87
N GLY A 424 7.01 -31.44 17.83
CA GLY A 424 7.52 -32.34 16.83
C GLY A 424 8.36 -31.63 15.77
N ARG A 425 9.28 -32.38 15.17
CA ARG A 425 10.08 -31.93 14.03
C ARG A 425 9.21 -31.79 12.79
N VAL A 426 9.42 -30.70 12.05
CA VAL A 426 8.61 -30.36 10.88
C VAL A 426 9.15 -31.01 9.61
N ALA A 427 10.42 -30.77 9.31
CA ALA A 427 11.09 -31.38 8.16
C ALA A 427 11.46 -32.84 8.49
N GLY A 428 11.93 -33.59 7.49
CA GLY A 428 12.47 -34.92 7.73
C GLY A 428 11.50 -36.07 7.46
N GLY A 429 10.25 -35.75 7.20
CA GLY A 429 9.28 -36.75 6.76
C GLY A 429 8.50 -37.36 7.90
N ARG A 430 7.30 -37.84 7.56
CA ARG A 430 6.50 -38.71 8.43
C ARG A 430 6.27 -38.24 9.87
N ASN A 431 5.82 -36.99 10.04
CA ASN A 431 5.53 -36.48 11.38
C ASN A 431 4.22 -35.70 11.53
N VAL A 432 3.32 -35.82 10.57
CA VAL A 432 2.03 -35.15 10.67
C VAL A 432 1.06 -36.02 11.47
N PRO A 433 0.60 -35.52 12.63
CA PRO A 433 -0.31 -36.24 13.53
C PRO A 433 -1.54 -36.79 12.80
N ILE A 434 -1.89 -38.03 13.08
CA ILE A 434 -3.01 -38.68 12.41
C ILE A 434 -4.32 -37.91 12.62
N ALA A 435 -4.44 -37.24 13.76
CA ALA A 435 -5.64 -36.46 14.10
C ALA A 435 -5.89 -35.29 13.15
N VAL A 436 -4.84 -34.78 12.51
CA VAL A 436 -4.96 -33.65 11.59
C VAL A 436 -4.68 -34.01 10.14
N GLN A 437 -4.83 -35.29 9.80
CA GLN A 437 -4.51 -35.78 8.46
C GLN A 437 -5.32 -35.05 7.35
N ALA A 438 -6.57 -34.72 7.64
CA ALA A 438 -7.43 -34.02 6.67
C ALA A 438 -6.85 -32.65 6.30
N VAL A 439 -6.14 -32.05 7.25
CA VAL A 439 -5.55 -30.72 7.08
C VAL A 439 -4.37 -30.84 6.13
N ALA A 440 -3.48 -31.80 6.38
CA ALA A 440 -2.34 -32.03 5.49
C ALA A 440 -2.80 -32.33 4.07
N LYS A 441 -3.79 -33.22 3.92
CA LYS A 441 -4.38 -33.53 2.61
C LYS A 441 -4.83 -32.27 1.83
N ALA A 442 -5.59 -31.40 2.52
CA ALA A 442 -6.13 -30.17 1.97
C ALA A 442 -5.02 -29.23 1.50
N SER A 443 -3.91 -29.21 2.22
CA SER A 443 -2.79 -28.42 1.78
C SER A 443 -2.29 -28.88 0.44
N ILE A 444 -2.27 -30.20 0.22
CA ILE A 444 -1.88 -30.73 -1.08
C ILE A 444 -2.96 -30.44 -2.12
N ASP A 445 -4.20 -30.81 -1.82
CA ASP A 445 -5.32 -30.58 -2.74
C ASP A 445 -5.47 -29.09 -3.12
N GLN A 446 -5.15 -28.20 -2.19
CA GLN A 446 -5.33 -26.77 -2.48
C GLN A 446 -4.15 -26.18 -3.25
N SER A 447 -2.96 -26.68 -2.95
CA SER A 447 -1.80 -26.47 -3.80
C SER A 447 -2.16 -26.76 -5.24
N ARG A 448 -2.89 -27.86 -5.43
CA ARG A 448 -3.26 -28.31 -6.76
C ARG A 448 -4.36 -27.45 -7.40
N GLU A 449 -5.40 -27.08 -6.64
CA GLU A 449 -6.45 -26.20 -7.19
C GLU A 449 -5.88 -24.84 -7.57
N MET A 450 -4.92 -24.36 -6.77
CA MET A 450 -4.32 -23.06 -7.03
C MET A 450 -3.21 -23.12 -8.08
N LYS A 451 -3.08 -24.28 -8.74
CA LYS A 451 -2.10 -24.52 -9.82
C LYS A 451 -0.67 -24.13 -9.45
N TYR A 452 -0.22 -24.53 -8.26
CA TYR A 452 1.14 -24.25 -7.81
C TYR A 452 2.14 -24.89 -8.75
N GLN A 453 3.21 -24.15 -9.02
CA GLN A 453 4.38 -24.68 -9.72
C GLN A 453 5.11 -25.72 -8.85
N SER A 454 6.12 -26.37 -9.43
CA SER A 454 6.81 -27.48 -8.76
C SER A 454 7.84 -27.01 -7.73
N LEU A 455 8.25 -27.94 -6.86
CA LEU A 455 9.30 -27.70 -5.87
C LEU A 455 10.53 -27.05 -6.48
N ASN A 456 11.01 -27.62 -7.59
CA ASN A 456 12.24 -27.16 -8.17
C ASN A 456 12.17 -25.79 -8.79
N GLU A 457 10.97 -25.44 -9.27
CA GLU A 457 10.69 -24.10 -9.76
C GLU A 457 10.77 -23.09 -8.63
N TYR A 458 10.24 -23.45 -7.47
CA TYR A 458 10.35 -22.58 -6.31
C TYR A 458 11.78 -22.42 -5.81
N ARG A 459 12.55 -23.51 -5.86
CA ARG A 459 13.93 -23.47 -5.47
C ARG A 459 14.73 -22.53 -6.35
N LYS A 460 14.51 -22.61 -7.66
CA LYS A 460 15.16 -21.71 -8.61
C LYS A 460 14.75 -20.26 -8.34
N ARG A 461 13.45 -20.05 -8.14
CA ARG A 461 12.88 -18.72 -7.85
C ARG A 461 13.54 -18.02 -6.65
N PHE A 462 13.98 -18.81 -5.68
CA PHE A 462 14.64 -18.29 -4.47
C PHE A 462 16.14 -18.59 -4.43
N SER A 463 16.71 -18.81 -5.61
CA SER A 463 18.16 -18.94 -5.83
C SER A 463 18.74 -20.21 -5.21
N LEU A 464 18.20 -21.36 -5.60
CA LEU A 464 18.70 -22.63 -5.09
C LEU A 464 18.84 -23.68 -6.19
N LYS A 465 19.90 -24.48 -6.14
CA LYS A 465 20.06 -25.59 -7.09
C LYS A 465 18.83 -26.50 -7.01
N PRO A 466 18.20 -26.80 -8.16
CA PRO A 466 17.08 -27.73 -8.17
C PRO A 466 17.51 -29.08 -7.68
N TYR A 467 16.69 -29.76 -6.89
CA TYR A 467 17.02 -31.13 -6.52
C TYR A 467 17.11 -32.00 -7.78
N THR A 468 18.15 -32.83 -7.86
CA THR A 468 18.41 -33.68 -9.04
C THR A 468 17.88 -35.10 -8.87
N SER A 469 17.41 -35.44 -7.67
CA SER A 469 16.91 -36.78 -7.34
C SER A 469 16.19 -36.74 -5.99
N PHE A 470 15.33 -37.70 -5.75
CA PHE A 470 14.63 -37.76 -4.49
C PHE A 470 15.55 -38.07 -3.31
N GLU A 471 16.50 -38.98 -3.52
CA GLU A 471 17.51 -39.28 -2.51
C GLU A 471 18.23 -38.00 -2.06
N GLU A 472 18.48 -37.08 -3.01
CA GLU A 472 19.11 -35.78 -2.69
C GLU A 472 18.18 -34.87 -1.87
N LEU A 473 16.88 -34.98 -2.11
CA LEU A 473 15.89 -34.18 -1.40
C LEU A 473 15.71 -34.64 0.05
N THR A 474 15.52 -35.93 0.25
CA THR A 474 15.23 -36.46 1.58
C THR A 474 16.49 -36.78 2.39
N GLY A 475 17.61 -37.01 1.70
CA GLY A 475 18.88 -37.40 2.34
C GLY A 475 18.86 -38.84 2.81
N GLU A 476 17.87 -39.58 2.31
CA GLU A 476 17.49 -40.85 2.88
C GLU A 476 16.99 -41.76 1.73
N LYS A 477 16.96 -43.08 1.93
CA LYS A 477 16.67 -43.98 0.81
C LYS A 477 15.22 -44.44 0.80
N GLU A 478 14.64 -44.66 1.98
CA GLU A 478 13.32 -45.33 2.05
C GLU A 478 12.16 -44.51 1.50
N MET A 479 12.06 -43.26 1.91
CA MET A 479 10.97 -42.38 1.47
C MET A 479 11.18 -41.93 0.03
N ALA A 480 12.43 -41.64 -0.31
CA ALA A 480 12.80 -41.30 -1.67
C ALA A 480 12.31 -42.36 -2.66
N ALA A 481 12.54 -43.63 -2.34
CA ALA A 481 12.04 -44.73 -3.15
C ALA A 481 10.52 -44.66 -3.34
N GLU A 482 9.79 -44.41 -2.24
CA GLU A 482 8.33 -44.26 -2.27
C GLU A 482 7.88 -43.09 -3.14
N LEU A 483 8.55 -41.95 -2.99
CA LEU A 483 8.25 -40.75 -3.77
C LEU A 483 8.51 -40.93 -5.27
N LYS A 484 9.64 -41.56 -5.61
CA LYS A 484 9.99 -41.88 -7.00
C LYS A 484 8.86 -42.66 -7.69
N ALA A 485 8.33 -43.66 -7.00
CA ALA A 485 7.30 -44.49 -7.58
C ALA A 485 5.94 -43.79 -7.59
N LEU A 486 5.88 -42.59 -7.01
CA LEU A 486 4.66 -41.81 -6.98
C LEU A 486 4.71 -40.64 -7.97
N TYR A 487 5.90 -40.08 -8.16
CA TYR A 487 6.06 -38.88 -8.96
C TYR A 487 6.82 -39.08 -10.28
N SER A 488 7.65 -40.13 -10.34
CA SER A 488 8.56 -40.41 -11.48
C SER A 488 9.74 -39.45 -11.55
N ASP A 489 9.44 -38.16 -11.65
CA ASP A 489 10.45 -37.16 -11.92
C ASP A 489 10.59 -36.22 -10.73
N ILE A 490 11.80 -36.04 -10.22
CA ILE A 490 12.04 -35.06 -9.17
C ILE A 490 11.48 -33.67 -9.54
N ASP A 491 11.48 -33.34 -10.83
CA ASP A 491 11.06 -32.03 -11.30
C ASP A 491 9.56 -31.78 -11.22
N VAL A 492 8.79 -32.82 -10.92
CA VAL A 492 7.35 -32.63 -10.68
C VAL A 492 6.95 -32.81 -9.22
N MET A 493 7.94 -32.94 -8.35
CA MET A 493 7.71 -32.97 -6.91
C MET A 493 7.05 -31.68 -6.46
N GLU A 494 5.96 -31.80 -5.70
CA GLU A 494 5.17 -30.66 -5.20
C GLU A 494 5.81 -29.97 -3.99
N LEU A 495 5.55 -28.67 -3.87
CA LEU A 495 6.13 -27.85 -2.82
C LEU A 495 5.78 -28.28 -1.39
N TYR A 496 4.48 -28.40 -1.07
CA TYR A 496 4.10 -28.73 0.31
C TYR A 496 4.71 -30.04 0.87
N PRO A 497 4.48 -31.19 0.20
CA PRO A 497 5.05 -32.44 0.70
C PRO A 497 6.58 -32.40 0.81
N ALA A 498 7.20 -31.63 -0.08
CA ALA A 498 8.64 -31.55 -0.14
C ALA A 498 9.16 -30.93 1.15
N LEU A 499 8.44 -29.91 1.62
CA LEU A 499 8.86 -29.15 2.81
C LEU A 499 8.90 -30.06 4.03
N LEU A 500 7.93 -30.97 4.11
CA LEU A 500 7.79 -31.80 5.29
C LEU A 500 8.61 -33.09 5.24
N VAL A 501 9.30 -33.36 4.13
CA VAL A 501 10.15 -34.55 3.98
C VAL A 501 11.62 -34.24 3.74
N GLU A 502 11.91 -32.97 3.49
CA GLU A 502 13.26 -32.51 3.19
C GLU A 502 14.26 -32.89 4.29
N LYS A 503 15.42 -33.41 3.89
CA LYS A 503 16.55 -33.54 4.80
C LYS A 503 16.69 -32.20 5.52
N PRO A 504 16.59 -32.23 6.86
CA PRO A 504 16.72 -31.01 7.63
C PRO A 504 18.17 -30.65 7.79
N ARG A 505 18.46 -29.38 8.02
CA ARG A 505 19.79 -28.96 8.41
C ARG A 505 20.16 -29.77 9.65
N PRO A 506 21.48 -29.97 9.90
CA PRO A 506 21.89 -30.88 10.98
C PRO A 506 21.33 -30.47 12.34
N ASP A 507 20.58 -31.37 12.98
CA ASP A 507 19.94 -31.11 14.28
C ASP A 507 18.96 -29.94 14.26
N ALA A 508 18.37 -29.68 13.10
CA ALA A 508 17.49 -28.53 12.93
C ALA A 508 16.05 -28.96 12.71
N ILE A 509 15.14 -28.00 12.78
CA ILE A 509 13.72 -28.29 12.68
C ILE A 509 13.24 -28.27 11.23
N PHE A 510 13.91 -27.47 10.40
CA PHE A 510 13.49 -27.30 9.01
C PHE A 510 14.57 -27.75 8.06
N GLY A 511 14.16 -28.01 6.82
CA GLY A 511 15.09 -28.16 5.72
C GLY A 511 15.44 -26.80 5.10
N GLU A 512 16.27 -26.84 4.08
CA GLU A 512 16.77 -25.63 3.42
C GLU A 512 15.67 -24.80 2.73
N THR A 513 14.80 -25.48 1.98
CA THR A 513 13.74 -24.83 1.20
C THR A 513 12.81 -24.02 2.10
N MET A 514 12.38 -24.66 3.17
CA MET A 514 11.55 -24.04 4.19
C MET A 514 12.09 -22.67 4.66
N VAL A 515 13.37 -22.62 4.97
CA VAL A 515 14.00 -21.39 5.45
C VAL A 515 14.17 -20.40 4.32
N GLU A 516 14.69 -20.86 3.20
CA GLU A 516 15.06 -19.98 2.10
C GLU A 516 13.90 -19.34 1.37
N LEU A 517 12.75 -20.00 1.37
CA LEU A 517 11.51 -19.37 0.92
C LEU A 517 10.93 -18.53 2.06
N GLY A 518 10.86 -19.12 3.26
CA GLY A 518 10.14 -18.56 4.39
C GLY A 518 10.69 -17.26 4.94
N ALA A 519 12.00 -17.23 5.13
CA ALA A 519 12.64 -16.04 5.68
C ALA A 519 12.32 -14.73 4.93
N PRO A 520 12.38 -14.73 3.56
CA PRO A 520 12.01 -13.53 2.82
C PRO A 520 10.61 -13.02 3.13
N PHE A 521 9.62 -13.92 3.02
CA PHE A 521 8.24 -13.55 3.31
C PHE A 521 8.08 -13.01 4.74
N SER A 522 8.76 -13.68 5.67
CA SER A 522 8.67 -13.36 7.07
C SER A 522 9.19 -11.95 7.37
N LEU A 523 10.43 -11.68 6.95
CA LEU A 523 11.07 -10.41 7.24
C LEU A 523 10.37 -9.23 6.59
N LYS A 524 9.88 -9.43 5.37
CA LYS A 524 9.11 -8.41 4.66
C LYS A 524 7.76 -8.19 5.36
N GLY A 525 7.17 -9.26 5.90
CA GLY A 525 5.95 -9.15 6.66
C GLY A 525 6.14 -8.32 7.91
N LEU A 526 7.33 -8.43 8.51
CA LEU A 526 7.68 -7.74 9.75
C LEU A 526 8.19 -6.34 9.48
N MET A 527 9.28 -6.23 8.74
CA MET A 527 9.90 -4.94 8.50
C MET A 527 9.05 -4.04 7.60
N GLY A 528 8.30 -4.65 6.69
CA GLY A 528 7.41 -3.94 5.75
C GLY A 528 6.19 -3.29 6.38
N ASN A 529 6.14 -3.23 7.71
CA ASN A 529 5.02 -2.64 8.41
C ASN A 529 5.15 -1.12 8.45
N PRO A 530 4.02 -0.39 8.42
CA PRO A 530 4.18 1.07 8.43
C PRO A 530 4.86 1.61 9.66
N ILE A 531 4.77 0.92 10.80
CA ILE A 531 5.36 1.50 12.02
C ILE A 531 6.89 1.51 11.99
N CYS A 532 7.46 0.70 11.09
CA CYS A 532 8.89 0.67 10.84
C CYS A 532 9.40 1.79 9.92
N SER A 533 8.48 2.58 9.38
CA SER A 533 8.85 3.60 8.40
C SER A 533 9.39 4.84 9.14
N PRO A 534 10.31 5.60 8.51
CA PRO A 534 10.92 6.73 9.19
C PRO A 534 9.92 7.70 9.85
N GLN A 535 8.82 8.00 9.15
CA GLN A 535 7.85 8.98 9.63
CA GLN A 535 7.87 8.99 9.62
C GLN A 535 7.09 8.49 10.86
N TYR A 536 7.06 7.18 11.05
CA TYR A 536 6.37 6.54 12.19
C TYR A 536 7.31 6.19 13.36
N TRP A 537 8.52 5.74 13.03
CA TRP A 537 9.45 5.22 14.03
C TRP A 537 10.10 6.33 14.89
N LYS A 538 9.30 6.90 15.77
CA LYS A 538 9.66 8.04 16.60
C LYS A 538 8.94 7.77 17.90
N PRO A 539 9.50 8.22 19.05
CA PRO A 539 8.79 8.02 20.31
C PRO A 539 7.39 8.66 20.35
N SER A 540 7.18 9.78 19.64
CA SER A 540 5.88 10.45 19.71
C SER A 540 4.72 9.57 19.25
N THR A 541 4.99 8.70 18.28
CA THR A 541 4.01 7.77 17.73
C THR A 541 3.46 6.85 18.80
N PHE A 542 4.29 6.56 19.79
CA PHE A 542 3.96 5.58 20.83
C PHE A 542 3.77 6.27 22.17
N GLY A 543 3.43 7.55 22.12
CA GLY A 543 3.09 8.30 23.33
C GLY A 543 4.28 8.68 24.21
N GLY A 544 5.48 8.71 23.61
CA GLY A 544 6.66 9.18 24.28
C GLY A 544 7.63 8.11 24.71
N GLU A 545 8.70 8.55 25.38
CA GLU A 545 9.81 7.69 25.76
C GLU A 545 9.30 6.39 26.36
N VAL A 546 8.26 6.46 27.17
CA VAL A 546 7.76 5.27 27.85
C VAL A 546 7.25 4.18 26.90
N GLY A 547 6.35 4.55 25.99
CA GLY A 547 5.81 3.62 24.98
C GLY A 547 6.90 3.03 24.10
N PHE A 548 7.72 3.91 23.53
CA PHE A 548 8.84 3.49 22.69
C PHE A 548 9.75 2.50 23.44
N LYS A 549 9.78 2.62 24.76
CA LYS A 549 10.62 1.79 25.60
C LYS A 549 10.00 0.42 25.78
N ILE A 550 8.67 0.38 25.97
CA ILE A 550 7.95 -0.89 26.03
C ILE A 550 8.28 -1.77 24.83
N ILE A 551 8.21 -1.16 23.64
CA ILE A 551 8.43 -1.86 22.38
C ILE A 551 9.85 -2.37 22.32
N ASN A 552 10.80 -1.49 22.67
CA ASN A 552 12.21 -1.77 22.40
C ASN A 552 12.89 -2.68 23.42
N THR A 553 12.14 -3.11 24.44
CA THR A 553 12.64 -4.08 25.40
C THR A 553 11.70 -5.26 25.62
N ALA A 554 10.71 -5.42 24.74
CA ALA A 554 9.75 -6.50 24.82
C ALA A 554 10.42 -7.86 24.59
N SER A 555 9.85 -8.89 25.21
CA SER A 555 10.31 -10.26 25.00
C SER A 555 9.21 -11.25 25.34
N ILE A 556 9.35 -12.48 24.86
CA ILE A 556 8.37 -13.51 25.19
C ILE A 556 8.24 -13.63 26.70
N GLN A 557 9.38 -13.54 27.39
CA GLN A 557 9.40 -13.62 28.84
CA GLN A 557 9.43 -13.62 28.82
C GLN A 557 8.65 -12.46 29.48
N SER A 558 9.01 -11.22 29.16
CA SER A 558 8.32 -10.05 29.74
C SER A 558 6.79 -10.07 29.47
N LEU A 559 6.40 -10.61 28.31
CA LEU A 559 4.98 -10.67 27.96
C LEU A 559 4.24 -11.58 28.92
N ILE A 560 4.82 -12.75 29.16
CA ILE A 560 4.23 -13.72 30.07
C ILE A 560 4.29 -13.21 31.51
N CYS A 561 5.43 -12.66 31.89
CA CYS A 561 5.70 -12.23 33.24
C CYS A 561 4.76 -11.14 33.72
N ASN A 562 4.52 -10.14 32.86
CA ASN A 562 3.67 -9.02 33.19
C ASN A 562 2.19 -9.36 33.27
N ASN A 563 1.76 -10.43 32.59
CA ASN A 563 0.34 -10.74 32.39
C ASN A 563 -0.16 -12.07 32.95
N VAL A 564 0.76 -12.92 33.40
CA VAL A 564 0.38 -14.22 33.93
C VAL A 564 0.71 -14.27 35.42
N LYS A 565 -0.30 -14.55 36.25
CA LYS A 565 -0.13 -14.66 37.72
C LYS A 565 1.07 -15.51 38.09
N GLY A 566 1.90 -15.00 39.00
CA GLY A 566 3.06 -15.77 39.45
C GLY A 566 4.34 -15.57 38.67
N CYS A 567 4.26 -14.87 37.54
CA CYS A 567 5.39 -14.65 36.61
C CYS A 567 6.26 -15.91 36.37
N PRO A 568 5.68 -16.93 35.69
CA PRO A 568 6.41 -18.16 35.37
C PRO A 568 7.53 -17.93 34.37
N PHE A 569 8.55 -18.78 34.39
CA PHE A 569 9.60 -18.63 33.40
C PHE A 569 9.16 -19.27 32.13
N THR A 570 9.41 -18.58 31.03
CA THR A 570 9.10 -19.17 29.75
C THR A 570 10.19 -18.90 28.71
N SER A 571 10.20 -19.76 27.69
CA SER A 571 10.99 -19.56 26.51
C SER A 571 10.36 -20.38 25.39
N PHE A 572 10.91 -20.27 24.19
CA PHE A 572 10.40 -21.06 23.09
C PHE A 572 11.03 -22.42 23.00
N ASN A 573 11.91 -22.76 23.95
CA ASN A 573 12.43 -24.12 24.01
C ASN A 573 12.43 -24.80 25.38
N VAL A 574 12.18 -26.11 25.37
CA VAL A 574 12.34 -26.96 26.53
C VAL A 574 13.82 -27.01 26.92
N HIS B 24 -8.12 23.03 27.42
CA HIS B 24 -7.91 22.81 25.95
C HIS B 24 -6.54 22.23 25.61
N HIS B 25 -6.37 21.73 24.39
CA HIS B 25 -5.16 21.01 23.96
C HIS B 25 -3.86 21.86 23.97
N PRO B 26 -2.77 21.35 24.59
CA PRO B 26 -1.48 22.07 24.67
C PRO B 26 -0.86 22.41 23.33
N CYS B 27 -1.18 21.61 22.31
CA CYS B 27 -0.56 21.76 21.00
C CYS B 27 -1.29 22.72 20.05
N CYS B 28 -2.32 23.42 20.56
CA CYS B 28 -3.12 24.32 19.73
C CYS B 28 -2.34 25.43 19.05
N SER B 29 -1.31 25.93 19.72
CA SER B 29 -0.49 27.01 19.17
C SER B 29 0.38 26.54 18.01
N ASN B 30 0.41 25.23 17.78
CA ASN B 30 1.32 24.62 16.84
C ASN B 30 2.76 25.07 17.16
N PRO B 31 3.22 24.77 18.39
CA PRO B 31 4.50 25.28 18.84
C PRO B 31 5.72 24.65 18.15
N CYS B 32 5.62 23.37 17.78
CA CYS B 32 6.75 22.63 17.17
C CYS B 32 7.05 23.08 15.74
N GLN B 33 8.30 23.41 15.49
CA GLN B 33 8.71 23.89 14.18
C GLN B 33 9.44 22.82 13.39
N ASN B 34 9.65 23.11 12.10
CA ASN B 34 10.49 22.29 11.23
C ASN B 34 10.17 20.79 11.15
N ARG B 35 8.87 20.49 11.11
CA ARG B 35 8.33 19.13 10.94
C ARG B 35 8.51 18.20 12.14
N GLY B 36 8.76 18.78 13.31
CA GLY B 36 8.84 18.03 14.56
C GLY B 36 7.44 17.79 15.05
N GLU B 37 7.23 16.76 15.86
CA GLU B 37 5.87 16.35 16.21
C GLU B 37 5.50 16.76 17.63
N CYS B 38 4.37 17.45 17.75
CA CYS B 38 3.84 17.89 19.04
C CYS B 38 3.04 16.78 19.71
N MET B 39 3.34 16.52 20.97
CA MET B 39 2.60 15.55 21.77
C MET B 39 2.34 16.20 23.09
N SER B 40 1.09 16.17 23.56
CA SER B 40 0.78 16.71 24.89
C SER B 40 1.44 15.83 25.96
N THR B 41 1.86 16.43 27.07
CA THR B 41 2.47 15.64 28.18
C THR B 41 1.75 15.74 29.52
N GLY B 42 0.97 16.79 29.70
CA GLY B 42 0.07 16.84 30.82
C GLY B 42 -1.16 17.55 30.33
N PHE B 43 -1.98 18.03 31.26
CA PHE B 43 -3.16 18.83 30.89
C PHE B 43 -2.79 20.20 30.30
N ASP B 44 -1.64 20.75 30.69
CA ASP B 44 -1.24 22.09 30.26
C ASP B 44 0.19 22.17 29.71
N GLN B 45 0.86 21.01 29.56
CA GLN B 45 2.24 20.97 29.04
C GLN B 45 2.37 20.11 27.77
N TYR B 46 3.45 20.31 27.00
CA TYR B 46 3.66 19.55 25.77
C TYR B 46 5.15 19.21 25.56
N LYS B 47 5.42 18.26 24.68
CA LYS B 47 6.79 17.91 24.32
C LYS B 47 6.89 17.87 22.78
N CYS B 48 7.92 18.50 22.21
CA CYS B 48 8.17 18.31 20.78
C CYS B 48 9.05 17.09 20.57
N ASP B 49 8.80 16.38 19.48
CA ASP B 49 9.63 15.26 19.06
C ASP B 49 10.39 15.74 17.83
N CYS B 50 11.70 15.97 17.98
CA CYS B 50 12.51 16.51 16.88
C CYS B 50 13.27 15.47 16.07
N THR B 51 12.88 14.21 16.20
CA THR B 51 13.55 13.11 15.50
C THR B 51 13.68 13.35 13.98
N ARG B 52 14.93 13.30 13.53
CA ARG B 52 15.33 13.44 12.12
C ARG B 52 14.91 14.74 11.44
N THR B 53 14.48 15.73 12.23
CA THR B 53 14.13 17.04 11.67
C THR B 53 15.37 17.83 11.27
N GLY B 54 16.51 17.49 11.88
CA GLY B 54 17.76 18.24 11.75
C GLY B 54 17.80 19.45 12.66
N PHE B 55 16.90 19.48 13.65
CA PHE B 55 16.79 20.57 14.61
C PHE B 55 16.63 19.98 16.00
N TYR B 56 16.92 20.76 17.04
CA TYR B 56 16.68 20.30 18.40
C TYR B 56 16.21 21.44 19.31
N GLY B 57 16.06 21.17 20.59
CA GLY B 57 15.58 22.17 21.54
C GLY B 57 14.08 22.17 21.69
N GLU B 58 13.58 22.91 22.68
CA GLU B 58 12.19 22.81 23.12
C GLU B 58 11.17 22.75 21.99
N ASN B 59 11.40 23.51 20.92
CA ASN B 59 10.44 23.65 19.82
C ASN B 59 10.98 23.26 18.43
N CYS B 60 12.06 22.50 18.39
CA CYS B 60 12.79 22.15 17.15
C CYS B 60 13.21 23.36 16.31
N THR B 61 13.69 24.41 17.00
CA THR B 61 14.05 25.68 16.38
C THR B 61 15.56 25.91 16.21
N THR B 62 16.37 25.18 16.96
CA THR B 62 17.83 25.29 16.90
C THR B 62 18.43 24.22 15.98
N PRO B 63 19.06 24.63 14.86
CA PRO B 63 19.63 23.70 13.87
C PRO B 63 20.91 23.01 14.29
N GLU B 64 21.04 21.72 13.96
CA GLU B 64 22.32 21.01 14.01
C GLU B 64 23.33 21.78 13.13
N PHE B 65 24.60 21.45 13.24
CA PHE B 65 25.63 22.19 12.49
C PHE B 65 25.48 22.02 10.97
N LEU B 66 25.35 20.77 10.53
CA LEU B 66 25.25 20.41 9.10
C LEU B 66 23.98 20.95 8.44
N THR B 67 22.93 21.14 9.26
CA THR B 67 21.64 21.73 8.85
C THR B 67 21.83 23.18 8.43
N ARG B 68 22.56 23.93 9.25
CA ARG B 68 22.83 25.35 9.02
C ARG B 68 23.61 25.55 7.71
N ILE B 69 24.57 24.66 7.43
CA ILE B 69 25.28 24.68 6.16
C ILE B 69 24.30 24.40 5.01
N LYS B 70 23.53 23.32 5.12
CA LYS B 70 22.56 22.94 4.10
C LYS B 70 21.49 24.01 3.84
N LEU B 71 21.09 24.75 4.88
CA LEU B 71 20.11 25.85 4.74
C LEU B 71 20.69 27.12 4.12
N LEU B 72 21.91 27.47 4.53
CA LEU B 72 22.65 28.56 3.93
C LEU B 72 22.70 28.39 2.41
N LEU B 73 23.16 27.21 1.98
CA LEU B 73 23.32 26.83 0.56
C LEU B 73 22.01 26.73 -0.26
N LYS B 74 21.03 25.96 0.24
CA LYS B 74 19.77 25.69 -0.49
C LYS B 74 19.08 26.96 -0.96
N PRO B 75 18.85 27.08 -2.29
CA PRO B 75 18.26 28.30 -2.84
C PRO B 75 16.75 28.33 -2.63
N THR B 76 16.17 29.52 -2.61
CA THR B 76 14.71 29.69 -2.43
C THR B 76 13.90 29.20 -3.65
N PRO B 77 12.63 28.76 -3.44
CA PRO B 77 11.84 28.23 -4.58
C PRO B 77 11.62 29.23 -5.73
N ASN B 78 11.40 30.51 -5.41
CA ASN B 78 11.26 31.57 -6.43
C ASN B 78 12.52 31.74 -7.26
N THR B 79 13.66 31.41 -6.66
CA THR B 79 14.95 31.48 -7.35
C THR B 79 15.04 30.34 -8.35
N VAL B 80 14.89 29.11 -7.86
CA VAL B 80 14.90 27.89 -8.70
C VAL B 80 13.88 27.99 -9.86
N HIS B 81 12.72 28.56 -9.58
CA HIS B 81 11.70 28.79 -10.60
C HIS B 81 12.23 29.70 -11.70
N TYR B 82 12.74 30.88 -11.30
CA TYR B 82 13.36 31.81 -12.25
C TYR B 82 14.40 31.13 -13.15
N ILE B 83 15.36 30.45 -12.53
CA ILE B 83 16.38 29.73 -13.26
C ILE B 83 15.74 28.87 -14.37
N LEU B 84 14.75 28.06 -13.98
CA LEU B 84 14.08 27.13 -14.91
C LEU B 84 13.21 27.82 -15.98
N THR B 85 12.87 29.09 -15.76
CA THR B 85 12.00 29.80 -16.70
C THR B 85 12.75 30.85 -17.52
N HIS B 86 14.06 30.92 -17.34
CA HIS B 86 14.91 31.84 -18.09
C HIS B 86 16.11 31.06 -18.63
N PHE B 87 17.04 31.77 -19.26
CA PHE B 87 18.24 31.17 -19.85
C PHE B 87 17.89 30.10 -20.88
N LYS B 88 16.95 30.43 -21.77
CA LYS B 88 16.47 29.50 -22.80
C LYS B 88 17.63 28.80 -23.51
N GLY B 89 18.68 29.57 -23.82
CA GLY B 89 19.90 29.03 -24.42
C GLY B 89 20.49 27.86 -23.63
N VAL B 90 20.87 28.12 -22.39
CA VAL B 90 21.50 27.12 -21.52
C VAL B 90 20.66 25.84 -21.49
N TRP B 91 19.35 25.98 -21.38
CA TRP B 91 18.46 24.81 -21.27
C TRP B 91 18.42 24.00 -22.54
N ASN B 92 18.51 24.64 -23.70
CA ASN B 92 18.58 23.90 -24.95
C ASN B 92 19.79 22.98 -25.02
N ILE B 93 20.90 23.43 -24.45
CA ILE B 93 22.07 22.57 -24.29
C ILE B 93 21.67 21.39 -23.38
N VAL B 94 21.14 21.71 -22.19
CA VAL B 94 20.77 20.70 -21.19
C VAL B 94 19.76 19.69 -21.77
N ASN B 95 18.69 20.21 -22.36
CA ASN B 95 17.64 19.40 -22.97
C ASN B 95 18.14 18.37 -23.96
N ASN B 96 19.34 18.57 -24.49
CA ASN B 96 19.87 17.68 -25.51
C ASN B 96 21.04 16.77 -25.12
N ILE B 97 21.53 16.93 -23.89
CA ILE B 97 22.48 15.97 -23.30
C ILE B 97 21.72 15.05 -22.34
N PRO B 98 21.35 13.83 -22.80
CA PRO B 98 20.53 12.87 -22.04
C PRO B 98 20.96 12.69 -20.58
N PHE B 99 22.23 12.33 -20.35
CA PHE B 99 22.80 12.24 -19.00
C PHE B 99 22.41 13.44 -18.13
N LEU B 100 22.49 14.64 -18.71
CA LEU B 100 22.33 15.88 -17.95
C LEU B 100 20.86 16.17 -17.62
N ARG B 101 20.00 15.88 -18.60
CA ARG B 101 18.55 16.01 -18.45
C ARG B 101 18.02 15.03 -17.41
N SER B 102 18.47 13.78 -17.51
CA SER B 102 18.16 12.74 -16.53
C SER B 102 18.52 13.15 -15.12
N LEU B 103 19.65 13.84 -14.96
CA LEU B 103 20.13 14.29 -13.64
C LEU B 103 19.27 15.41 -13.05
N ILE B 104 18.86 16.36 -13.91
CA ILE B 104 17.98 17.45 -13.50
C ILE B 104 16.61 16.91 -13.08
N MET B 105 16.00 16.12 -13.96
CA MET B 105 14.72 15.48 -13.68
C MET B 105 14.76 14.67 -12.37
N LYS B 106 15.83 13.91 -12.17
CA LYS B 106 16.05 13.16 -10.92
C LYS B 106 16.04 14.06 -9.67
N TYR B 107 16.62 15.25 -9.76
CA TYR B 107 16.59 16.21 -8.65
C TYR B 107 15.16 16.70 -8.39
N VAL B 108 14.45 17.06 -9.46
CA VAL B 108 13.05 17.52 -9.39
C VAL B 108 12.18 16.50 -8.66
N LEU B 109 12.30 15.23 -9.05
CA LEU B 109 11.52 14.16 -8.48
C LEU B 109 11.77 13.90 -6.99
N THR B 110 13.04 13.85 -6.59
CA THR B 110 13.41 13.51 -5.20
C THR B 110 13.17 14.64 -4.20
N SER B 111 13.55 15.85 -4.57
CA SER B 111 13.35 17.02 -3.71
C SER B 111 11.86 17.26 -3.38
N ARG B 112 11.00 17.17 -4.39
CA ARG B 112 9.56 17.24 -4.19
C ARG B 112 9.06 16.08 -3.32
N SER B 113 9.52 14.87 -3.65
CA SER B 113 9.01 13.66 -3.01
C SER B 113 9.16 13.60 -1.51
N TYR B 114 10.32 13.95 -0.99
CA TYR B 114 10.53 13.75 0.43
C TYR B 114 9.84 14.81 1.30
N LEU B 115 8.91 15.55 0.70
CA LEU B 115 8.04 16.46 1.45
C LEU B 115 6.72 15.83 1.89
N ILE B 116 6.47 14.60 1.43
CA ILE B 116 5.21 13.88 1.62
C ILE B 116 5.36 12.71 2.58
N ASP B 117 4.47 12.60 3.57
CA ASP B 117 4.46 11.44 4.47
C ASP B 117 3.99 10.19 3.71
N SER B 118 4.89 9.21 3.55
CA SER B 118 4.56 7.97 2.88
C SER B 118 5.36 6.80 3.45
N PRO B 119 4.67 5.78 4.02
CA PRO B 119 3.24 5.60 4.25
C PRO B 119 2.63 6.77 5.00
N PRO B 120 1.35 7.09 4.71
CA PRO B 120 0.64 8.27 5.21
C PRO B 120 0.37 8.26 6.69
N THR B 121 -0.03 9.41 7.23
CA THR B 121 -0.12 9.59 8.65
C THR B 121 -1.51 10.05 9.08
N TYR B 122 -1.71 11.36 9.15
CA TYR B 122 -2.92 11.94 9.72
C TYR B 122 -4.13 11.88 8.80
N ASN B 123 -5.34 11.96 9.37
CA ASN B 123 -6.55 12.29 8.62
C ASN B 123 -7.51 13.17 9.42
N VAL B 124 -8.67 13.51 8.86
CA VAL B 124 -9.60 14.45 9.51
C VAL B 124 -9.97 14.06 10.95
N HIS B 125 -9.96 12.76 11.24
CA HIS B 125 -10.29 12.28 12.58
C HIS B 125 -9.10 11.99 13.47
N TYR B 126 -7.91 11.92 12.89
CA TYR B 126 -6.74 11.55 13.67
C TYR B 126 -5.62 12.55 13.48
N GLY B 127 -5.39 13.36 14.52
CA GLY B 127 -4.28 14.31 14.56
C GLY B 127 -3.01 13.66 15.09
N TYR B 128 -3.12 12.40 15.53
CA TYR B 128 -1.95 11.57 15.90
C TYR B 128 -1.94 10.33 15.00
N LYS B 129 -0.77 9.72 14.84
CA LYS B 129 -0.63 8.52 14.00
C LYS B 129 -1.39 7.38 14.66
N SER B 130 -2.03 6.54 13.85
CA SER B 130 -2.80 5.42 14.38
C SER B 130 -3.07 4.41 13.32
N TRP B 131 -3.36 3.18 13.72
CA TRP B 131 -3.62 2.16 12.75
C TRP B 131 -4.89 2.48 11.96
N GLU B 132 -5.88 3.10 12.62
CA GLU B 132 -7.10 3.46 11.92
C GLU B 132 -6.75 4.43 10.79
N ALA B 133 -6.01 5.47 11.12
CA ALA B 133 -5.66 6.47 10.14
C ALA B 133 -4.94 5.83 8.97
N PHE B 134 -3.94 4.99 9.27
CA PHE B 134 -3.17 4.31 8.24
C PHE B 134 -3.99 3.39 7.32
N SER B 135 -4.75 2.49 7.93
CA SER B 135 -5.33 1.34 7.23
C SER B 135 -6.69 1.58 6.56
N ASN B 136 -7.44 2.57 7.05
CA ASN B 136 -8.77 2.92 6.52
C ASN B 136 -8.67 3.76 5.23
N LEU B 137 -8.86 3.13 4.08
CA LEU B 137 -8.66 3.80 2.80
C LEU B 137 -9.78 4.74 2.44
N SER B 138 -10.82 4.79 3.26
CA SER B 138 -11.97 5.67 3.04
C SER B 138 -11.65 7.12 3.30
N TYR B 139 -10.65 7.40 4.13
CA TYR B 139 -10.28 8.78 4.44
C TYR B 139 -9.34 9.25 3.38
N TYR B 140 -9.45 10.53 2.98
CA TYR B 140 -8.29 11.22 2.39
C TYR B 140 -7.27 11.35 3.50
N THR B 141 -6.00 11.25 3.17
CA THR B 141 -4.96 11.47 4.18
C THR B 141 -4.85 12.97 4.40
N ARG B 142 -3.96 13.39 5.31
CA ARG B 142 -3.79 14.82 5.65
C ARG B 142 -2.35 15.18 5.81
N ALA B 143 -1.93 16.25 5.15
CA ALA B 143 -0.55 16.70 5.14
C ALA B 143 -0.17 17.28 6.50
N LEU B 144 -1.13 17.99 7.12
CA LEU B 144 -1.06 18.51 8.48
C LEU B 144 -2.29 18.08 9.26
N PRO B 145 -2.11 17.79 10.57
CA PRO B 145 -3.19 17.27 11.43
C PRO B 145 -4.29 18.30 11.57
N PRO B 146 -5.52 17.86 11.81
CA PRO B 146 -6.53 18.90 12.05
C PRO B 146 -6.27 19.67 13.35
N VAL B 147 -6.68 20.93 13.36
CA VAL B 147 -6.73 21.72 14.59
C VAL B 147 -7.70 21.01 15.55
N ALA B 148 -7.23 20.78 16.78
CA ALA B 148 -8.01 20.02 17.78
C ALA B 148 -9.38 20.61 18.07
N ASP B 149 -10.34 19.70 18.28
CA ASP B 149 -11.76 20.03 18.44
C ASP B 149 -12.05 21.06 19.55
N ASP B 150 -11.05 21.33 20.40
CA ASP B 150 -11.28 22.20 21.57
C ASP B 150 -10.39 23.44 21.74
N CYS B 151 -9.60 23.81 20.72
CA CYS B 151 -8.78 25.04 20.76
C CYS B 151 -9.62 26.29 20.92
N PRO B 152 -9.04 27.35 21.51
CA PRO B 152 -9.85 28.54 21.76
C PRO B 152 -10.34 29.21 20.48
N THR B 153 -9.53 29.18 19.42
CA THR B 153 -9.88 29.80 18.13
C THR B 153 -9.84 28.77 16.98
N PRO B 154 -10.60 29.03 15.91
CA PRO B 154 -10.70 28.06 14.81
C PRO B 154 -9.34 27.65 14.24
N MET B 155 -8.39 28.56 14.25
CA MET B 155 -7.08 28.32 13.65
C MET B 155 -6.01 27.86 14.64
N GLY B 156 -6.41 27.66 15.90
CA GLY B 156 -5.47 27.38 16.99
C GLY B 156 -5.67 28.32 18.18
N VAL B 157 -4.78 29.30 18.32
CA VAL B 157 -4.89 30.29 19.41
C VAL B 157 -5.02 31.73 18.91
N LYS B 158 -4.47 32.02 17.74
CA LYS B 158 -4.49 33.37 17.17
C LYS B 158 -5.83 33.69 16.48
N GLY B 159 -6.13 34.98 16.32
CA GLY B 159 -7.34 35.42 15.64
C GLY B 159 -8.59 35.41 16.50
N ASN B 160 -9.74 35.72 15.90
CA ASN B 160 -11.00 35.85 16.63
C ASN B 160 -11.69 34.50 16.92
N LYS B 161 -12.70 34.51 17.79
CA LYS B 161 -13.42 33.28 18.15
C LYS B 161 -14.07 32.64 16.90
N GLU B 162 -14.48 33.47 15.95
CA GLU B 162 -15.04 33.00 14.69
C GLU B 162 -14.19 33.50 13.51
N LEU B 163 -14.21 32.74 12.42
CA LEU B 163 -13.57 33.14 11.18
C LEU B 163 -14.54 34.05 10.42
N PRO B 164 -14.02 34.92 9.52
CA PRO B 164 -14.96 35.75 8.75
C PRO B 164 -16.01 34.91 8.04
N ASP B 165 -17.20 35.47 7.86
CA ASP B 165 -18.24 34.83 7.07
C ASP B 165 -17.68 34.42 5.71
N SER B 166 -17.92 33.16 5.34
CA SER B 166 -17.36 32.61 4.09
C SER B 166 -17.95 33.25 2.84
N LYS B 167 -19.23 33.64 2.93
CA LYS B 167 -19.90 34.39 1.85
C LYS B 167 -19.25 35.75 1.61
N GLU B 168 -18.72 36.36 2.65
CA GLU B 168 -18.07 37.65 2.53
C GLU B 168 -16.66 37.53 1.93
N VAL B 169 -15.92 36.52 2.37
CA VAL B 169 -14.58 36.24 1.84
C VAL B 169 -14.67 36.01 0.34
N LEU B 170 -15.64 35.17 -0.05
CA LEU B 170 -15.94 34.86 -1.45
C LEU B 170 -16.18 36.11 -2.29
N GLU B 171 -17.06 36.98 -1.81
CA GLU B 171 -17.54 38.11 -2.60
C GLU B 171 -16.51 39.21 -2.73
N LYS B 172 -15.81 39.47 -1.65
CA LYS B 172 -14.86 40.58 -1.63
C LYS B 172 -13.60 40.29 -2.45
N VAL B 173 -13.16 39.04 -2.51
CA VAL B 173 -11.85 38.74 -3.14
C VAL B 173 -11.78 37.52 -4.07
N LEU B 174 -12.86 36.73 -4.15
CA LEU B 174 -12.82 35.53 -4.98
C LEU B 174 -13.63 35.67 -6.26
N LEU B 175 -14.85 36.19 -6.14
CA LEU B 175 -15.77 36.28 -7.28
C LEU B 175 -15.22 37.18 -8.37
N ARG B 176 -15.59 36.86 -9.60
CA ARG B 176 -15.01 37.50 -10.77
C ARG B 176 -15.83 38.72 -11.19
N ARG B 177 -15.12 39.82 -11.41
CA ARG B 177 -15.69 41.01 -12.04
C ARG B 177 -15.47 40.91 -13.55
N GLU B 178 -14.40 41.52 -14.05
CA GLU B 178 -13.97 41.32 -15.45
C GLU B 178 -13.20 39.99 -15.53
N PHE B 179 -13.62 39.09 -16.43
CA PHE B 179 -12.88 37.82 -16.67
C PHE B 179 -11.39 38.09 -16.81
N ILE B 180 -10.55 37.32 -16.12
CA ILE B 180 -9.10 37.53 -16.25
C ILE B 180 -8.48 36.35 -16.95
N PRO B 181 -7.97 36.58 -18.17
CA PRO B 181 -7.31 35.56 -18.97
C PRO B 181 -6.02 35.09 -18.33
N ASP B 182 -5.75 33.80 -18.47
CA ASP B 182 -4.49 33.21 -18.04
C ASP B 182 -3.36 33.71 -18.92
N PRO B 183 -2.38 34.39 -18.34
CA PRO B 183 -1.24 34.89 -19.11
C PRO B 183 -0.37 33.78 -19.74
N GLN B 184 -0.42 32.57 -19.19
CA GLN B 184 0.28 31.42 -19.76
C GLN B 184 -0.44 30.84 -20.98
N GLY B 185 -1.68 31.28 -21.19
CA GLY B 185 -2.47 30.87 -22.33
C GLY B 185 -3.07 29.47 -22.30
N SER B 186 -3.28 28.93 -21.11
CA SER B 186 -3.94 27.62 -20.97
C SER B 186 -5.30 27.70 -21.65
N ASN B 187 -5.61 26.73 -22.49
CA ASN B 187 -6.91 26.69 -23.14
C ASN B 187 -7.95 25.81 -22.42
N MET B 188 -9.09 25.62 -23.07
CA MET B 188 -10.12 24.74 -22.53
C MET B 188 -9.74 23.27 -22.62
N MET B 189 -8.85 22.91 -23.55
CA MET B 189 -8.41 21.52 -23.66
C MET B 189 -7.66 21.17 -22.40
N PHE B 190 -6.89 22.15 -21.90
CA PHE B 190 -6.17 21.97 -20.67
C PHE B 190 -7.13 21.86 -19.47
N ALA B 191 -8.03 22.84 -19.36
CA ALA B 191 -8.96 22.87 -18.23
C ALA B 191 -9.74 21.57 -18.10
N PHE B 192 -10.39 21.14 -19.16
CA PHE B 192 -11.15 19.90 -19.08
C PHE B 192 -10.30 18.65 -18.88
N PHE B 193 -9.06 18.68 -19.37
CA PHE B 193 -8.14 17.59 -19.10
C PHE B 193 -7.86 17.54 -17.61
N ALA B 194 -7.56 18.69 -17.03
CA ALA B 194 -7.35 18.80 -15.59
C ALA B 194 -8.51 18.23 -14.81
N GLN B 195 -9.72 18.65 -15.19
CA GLN B 195 -10.90 18.21 -14.49
C GLN B 195 -11.06 16.69 -14.62
N HIS B 196 -11.02 16.21 -15.86
CA HIS B 196 -11.20 14.79 -16.14
C HIS B 196 -10.17 13.95 -15.41
N PHE B 197 -8.90 14.36 -15.46
CA PHE B 197 -7.81 13.61 -14.86
C PHE B 197 -7.96 13.49 -13.35
N THR B 198 -8.05 14.65 -12.69
CA THR B 198 -8.10 14.72 -11.23
C THR B 198 -9.32 14.03 -10.64
N HIS B 199 -10.39 13.96 -11.42
CA HIS B 199 -11.62 13.38 -10.91
C HIS B 199 -11.63 11.86 -10.84
N GLN B 200 -10.54 11.21 -11.21
CA GLN B 200 -10.38 9.80 -10.84
C GLN B 200 -10.00 9.61 -9.36
N PHE B 201 -9.32 10.60 -8.76
CA PHE B 201 -8.86 10.47 -7.37
C PHE B 201 -9.39 11.55 -6.43
N PHE B 202 -10.12 12.51 -6.96
CA PHE B 202 -10.89 13.39 -6.12
C PHE B 202 -12.32 12.97 -6.31
N LYS B 203 -12.75 12.00 -5.49
CA LYS B 203 -14.12 11.54 -5.48
C LYS B 203 -14.68 11.58 -4.05
N THR B 204 -14.97 12.77 -3.54
CA THR B 204 -15.42 12.92 -2.16
C THR B 204 -16.72 12.17 -1.87
N ASP B 205 -16.72 11.41 -0.77
CA ASP B 205 -17.87 10.60 -0.39
C ASP B 205 -18.82 11.43 0.46
N HIS B 206 -19.79 12.07 -0.18
CA HIS B 206 -20.59 13.07 0.50
C HIS B 206 -21.57 12.50 1.55
N LYS B 207 -22.08 11.29 1.32
CA LYS B 207 -22.78 10.54 2.39
C LYS B 207 -21.99 10.57 3.71
N ARG B 208 -20.68 10.27 3.65
CA ARG B 208 -19.82 10.26 4.84
C ARG B 208 -19.37 11.64 5.34
N GLY B 209 -18.86 12.48 4.44
CA GLY B 209 -18.33 13.81 4.83
C GLY B 209 -17.13 14.18 4.00
N PRO B 210 -16.71 15.45 4.08
CA PRO B 210 -15.68 15.99 3.18
C PRO B 210 -14.30 15.32 3.29
N GLY B 211 -14.03 14.65 4.42
CA GLY B 211 -12.75 14.01 4.68
C GLY B 211 -12.64 12.62 4.09
N PHE B 212 -13.72 12.17 3.45
CA PHE B 212 -13.79 10.81 2.92
C PHE B 212 -13.78 10.76 1.41
N THR B 213 -13.40 9.60 0.87
CA THR B 213 -13.25 9.43 -0.56
C THR B 213 -13.85 8.12 -1.06
N ARG B 214 -14.35 8.16 -2.29
CA ARG B 214 -14.85 6.97 -2.98
C ARG B 214 -13.72 6.36 -3.83
N GLY B 215 -12.63 7.12 -4.02
CA GLY B 215 -11.53 6.68 -4.86
C GLY B 215 -10.48 5.94 -4.06
N LEU B 216 -10.73 4.67 -3.80
CA LEU B 216 -9.88 3.89 -2.89
C LEU B 216 -8.62 3.40 -3.57
N GLY B 217 -8.49 3.71 -4.86
CA GLY B 217 -7.27 3.43 -5.59
C GLY B 217 -6.18 4.39 -5.17
N HIS B 218 -6.61 5.58 -4.77
CA HIS B 218 -5.71 6.61 -4.30
C HIS B 218 -4.62 6.93 -5.34
N GLY B 219 -5.04 7.28 -6.55
CA GLY B 219 -4.09 7.65 -7.57
C GLY B 219 -4.52 7.26 -8.97
N VAL B 220 -3.55 7.13 -9.87
CA VAL B 220 -3.85 6.99 -11.28
C VAL B 220 -4.14 5.54 -11.57
N ASP B 221 -5.40 5.13 -11.38
CA ASP B 221 -5.80 3.76 -11.72
C ASP B 221 -6.84 3.72 -12.84
N LEU B 222 -7.12 4.90 -13.39
CA LEU B 222 -8.09 5.08 -14.48
C LEU B 222 -9.48 4.52 -14.19
N ASN B 223 -9.91 4.65 -12.93
CA ASN B 223 -11.22 4.17 -12.52
C ASN B 223 -12.33 5.06 -13.10
N HIS B 224 -11.95 6.24 -13.59
CA HIS B 224 -12.89 7.12 -14.22
C HIS B 224 -13.18 6.70 -15.66
N ILE B 225 -12.43 5.70 -16.12
CA ILE B 225 -12.66 5.07 -17.41
C ILE B 225 -13.23 3.68 -17.19
N TYR B 226 -12.63 2.92 -16.28
CA TYR B 226 -12.96 1.50 -16.10
C TYR B 226 -13.95 1.23 -14.97
N GLY B 227 -14.16 2.22 -14.12
CA GLY B 227 -15.02 2.03 -12.94
C GLY B 227 -14.26 1.63 -11.70
N GLU B 228 -14.73 2.09 -10.56
CA GLU B 228 -14.10 1.82 -9.25
C GLU B 228 -14.25 0.35 -8.78
N THR B 229 -15.47 -0.20 -8.86
CA THR B 229 -15.74 -1.58 -8.47
C THR B 229 -15.69 -2.52 -9.68
N LEU B 230 -15.52 -3.82 -9.42
CA LEU B 230 -15.49 -4.80 -10.48
C LEU B 230 -16.84 -4.95 -11.13
N ASP B 231 -17.92 -4.79 -10.37
CA ASP B 231 -19.27 -4.87 -10.97
C ASP B 231 -19.36 -3.86 -12.10
N ARG B 232 -19.05 -2.60 -11.80
CA ARG B 232 -19.13 -1.53 -12.78
C ARG B 232 -18.25 -1.83 -14.01
N GLN B 233 -17.03 -2.30 -13.76
CA GLN B 233 -16.11 -2.63 -14.84
C GLN B 233 -16.74 -3.67 -15.76
N HIS B 234 -17.26 -4.73 -15.16
CA HIS B 234 -17.84 -5.80 -15.93
C HIS B 234 -19.07 -5.34 -16.70
N LYS B 235 -19.75 -4.33 -16.18
CA LYS B 235 -20.95 -3.82 -16.85
C LYS B 235 -20.61 -2.96 -18.08
N LEU B 236 -19.38 -2.43 -18.12
CA LEU B 236 -18.94 -1.55 -19.22
C LEU B 236 -18.08 -2.27 -20.24
N ARG B 237 -17.61 -3.48 -19.90
CA ARG B 237 -16.75 -4.27 -20.78
C ARG B 237 -17.59 -5.03 -21.82
N LEU B 238 -17.01 -5.20 -23.00
CA LEU B 238 -17.70 -5.90 -24.06
C LEU B 238 -17.49 -7.41 -23.93
N PHE B 239 -16.30 -7.79 -23.45
CA PHE B 239 -15.87 -9.18 -23.31
C PHE B 239 -15.48 -9.83 -24.63
N LYS B 240 -15.03 -9.01 -25.56
CA LYS B 240 -14.55 -9.47 -26.85
C LYS B 240 -13.30 -8.63 -27.17
N ASP B 241 -12.17 -9.30 -27.37
CA ASP B 241 -10.93 -8.61 -27.72
C ASP B 241 -10.46 -7.55 -26.72
N GLY B 242 -10.95 -7.62 -25.48
CA GLY B 242 -10.49 -6.74 -24.42
C GLY B 242 -11.25 -5.43 -24.33
N LYS B 243 -12.21 -5.25 -25.22
CA LYS B 243 -12.77 -3.93 -25.46
C LYS B 243 -13.80 -3.47 -24.41
N LEU B 244 -13.98 -2.16 -24.32
CA LEU B 244 -15.08 -1.56 -23.60
C LEU B 244 -16.26 -1.44 -24.56
N LYS B 245 -17.46 -1.63 -24.05
CA LYS B 245 -18.71 -1.42 -24.78
C LYS B 245 -18.77 0.00 -25.28
N TYR B 246 -19.46 0.20 -26.40
CA TYR B 246 -19.62 1.51 -27.04
C TYR B 246 -20.83 1.48 -28.00
N GLN B 247 -21.18 2.64 -28.54
CA GLN B 247 -22.20 2.70 -29.57
C GLN B 247 -21.70 3.56 -30.72
N VAL B 248 -22.32 3.40 -31.89
CA VAL B 248 -21.95 4.19 -33.06
C VAL B 248 -23.11 5.08 -33.44
N ILE B 249 -22.87 6.39 -33.39
CA ILE B 249 -23.86 7.39 -33.72
C ILE B 249 -23.30 8.33 -34.79
N GLY B 250 -23.96 8.34 -35.95
CA GLY B 250 -23.51 9.13 -37.08
C GLY B 250 -22.14 8.68 -37.54
N GLY B 251 -21.91 7.38 -37.48
CA GLY B 251 -20.62 6.82 -37.89
C GLY B 251 -19.50 6.96 -36.87
N GLU B 252 -19.76 7.65 -35.76
CA GLU B 252 -18.74 7.93 -34.74
C GLU B 252 -18.91 7.12 -33.45
N VAL B 253 -17.78 6.74 -32.85
CA VAL B 253 -17.80 5.90 -31.65
C VAL B 253 -18.06 6.73 -30.41
N TYR B 254 -19.08 6.37 -29.66
CA TYR B 254 -19.42 7.02 -28.40
C TYR B 254 -19.65 5.98 -27.31
N PRO B 255 -19.73 6.43 -26.04
CA PRO B 255 -20.01 5.49 -24.94
C PRO B 255 -21.40 4.86 -25.05
N PRO B 256 -21.59 3.71 -24.40
CA PRO B 256 -22.90 3.07 -24.38
C PRO B 256 -23.86 3.86 -23.47
N THR B 257 -25.10 3.42 -23.38
CA THR B 257 -26.08 4.12 -22.55
C THR B 257 -26.28 3.46 -21.17
N VAL B 258 -26.77 4.26 -20.24
CA VAL B 258 -27.24 3.75 -18.94
C VAL B 258 -28.19 2.58 -19.13
N LYS B 259 -29.19 2.75 -20.01
CA LYS B 259 -30.17 1.70 -20.32
C LYS B 259 -29.52 0.37 -20.78
N ASP B 260 -28.58 0.47 -21.72
CA ASP B 260 -27.88 -0.69 -22.30
C ASP B 260 -26.97 -1.43 -21.30
N THR B 261 -26.31 -0.69 -20.41
CA THR B 261 -25.28 -1.27 -19.55
C THR B 261 -25.74 -1.56 -18.13
N GLN B 262 -26.71 -0.77 -17.66
CA GLN B 262 -27.19 -0.79 -16.27
C GLN B 262 -26.20 -0.12 -15.29
N VAL B 263 -25.30 0.69 -15.85
CA VAL B 263 -24.32 1.44 -15.08
C VAL B 263 -24.97 2.74 -14.56
N GLU B 264 -25.00 2.92 -13.24
CA GLU B 264 -25.53 4.15 -12.64
C GLU B 264 -24.76 5.41 -13.05
N MET B 265 -25.50 6.48 -13.37
CA MET B 265 -24.91 7.78 -13.70
C MET B 265 -25.75 8.89 -13.10
N ILE B 266 -25.10 10.01 -12.74
CA ILE B 266 -25.80 11.23 -12.28
C ILE B 266 -26.28 12.06 -13.47
N TYR B 267 -27.52 11.83 -13.87
CA TYR B 267 -28.21 12.71 -14.82
C TYR B 267 -29.52 13.19 -14.21
N PRO B 268 -29.88 14.46 -14.48
CA PRO B 268 -31.20 14.92 -14.09
C PRO B 268 -32.26 14.26 -14.98
N PRO B 269 -33.49 14.10 -14.45
CA PRO B 269 -34.60 13.38 -15.06
C PRO B 269 -34.90 13.76 -16.52
N HIS B 270 -34.89 15.04 -16.83
CA HIS B 270 -35.27 15.51 -18.17
C HIS B 270 -34.42 15.03 -19.36
N ILE B 271 -33.38 14.23 -19.10
CA ILE B 271 -32.43 13.87 -20.17
C ILE B 271 -32.90 12.66 -20.98
N PRO B 272 -32.91 12.80 -22.32
CA PRO B 272 -33.15 11.70 -23.25
C PRO B 272 -32.22 10.50 -23.03
N GLU B 273 -32.83 9.34 -22.81
CA GLU B 273 -32.14 8.07 -22.51
C GLU B 273 -30.97 7.70 -23.43
N ASN B 274 -30.97 8.19 -24.67
CA ASN B 274 -29.87 7.89 -25.59
C ASN B 274 -28.67 8.87 -25.49
N LEU B 275 -28.83 9.90 -24.67
CA LEU B 275 -27.76 10.86 -24.38
C LEU B 275 -27.28 10.71 -22.92
N GLN B 276 -27.81 9.69 -22.25
CA GLN B 276 -27.29 9.25 -20.96
C GLN B 276 -26.17 8.25 -21.17
N PHE B 277 -25.00 8.75 -21.56
CA PHE B 277 -23.81 7.93 -21.73
C PHE B 277 -23.33 7.40 -20.38
N ALA B 278 -22.85 6.15 -20.38
CA ALA B 278 -22.34 5.53 -19.19
C ALA B 278 -20.85 5.34 -19.29
N VAL B 279 -20.10 6.09 -18.49
CA VAL B 279 -18.66 5.95 -18.44
C VAL B 279 -18.22 5.50 -17.05
N GLY B 280 -16.91 5.33 -16.86
CA GLY B 280 -16.35 4.85 -15.61
C GLY B 280 -16.70 5.67 -14.38
N GLN B 281 -16.69 6.98 -14.53
CA GLN B 281 -16.95 7.86 -13.41
C GLN B 281 -18.37 8.47 -13.52
N GLU B 282 -19.18 8.23 -12.50
CA GLU B 282 -20.61 8.57 -12.51
C GLU B 282 -20.96 10.04 -12.68
N VAL B 283 -20.01 10.95 -12.47
CA VAL B 283 -20.32 12.39 -12.59
C VAL B 283 -20.05 13.00 -13.97
N PHE B 284 -19.44 12.24 -14.88
CA PHE B 284 -18.93 12.81 -16.14
C PHE B 284 -20.01 13.16 -17.18
N GLY B 285 -21.26 12.85 -16.85
CA GLY B 285 -22.39 13.31 -17.67
C GLY B 285 -22.66 14.80 -17.48
N LEU B 286 -22.38 15.28 -16.28
CA LEU B 286 -22.62 16.68 -15.92
C LEU B 286 -22.13 17.69 -16.94
N VAL B 287 -20.98 17.41 -17.56
CA VAL B 287 -20.26 18.41 -18.34
C VAL B 287 -19.77 17.80 -19.66
N PRO B 288 -20.12 18.42 -20.80
CA PRO B 288 -19.71 17.98 -22.12
C PRO B 288 -18.19 17.90 -22.29
N GLY B 289 -17.46 18.86 -21.73
CA GLY B 289 -16.00 18.82 -21.68
C GLY B 289 -15.44 17.51 -21.13
N LEU B 290 -16.09 16.99 -20.10
CA LEU B 290 -15.69 15.72 -19.51
C LEU B 290 -16.10 14.56 -20.39
N MET B 291 -17.28 14.67 -21.00
CA MET B 291 -17.78 13.58 -21.81
C MET B 291 -16.94 13.46 -23.07
N MET B 292 -16.34 14.57 -23.50
CA MET B 292 -15.40 14.57 -24.62
C MET B 292 -14.18 13.71 -24.29
N TYR B 293 -13.53 13.99 -23.16
CA TYR B 293 -12.42 13.14 -22.74
C TYR B 293 -12.82 11.70 -22.50
N ALA B 294 -13.93 11.48 -21.79
CA ALA B 294 -14.50 10.13 -21.62
C ALA B 294 -14.53 9.33 -22.92
N THR B 295 -14.99 9.98 -23.99
CA THR B 295 -15.11 9.36 -25.29
C THR B 295 -13.75 9.15 -25.94
N ILE B 296 -12.88 10.15 -25.86
CA ILE B 296 -11.51 10.00 -26.37
C ILE B 296 -10.83 8.80 -25.71
N TRP B 297 -10.86 8.76 -24.38
CA TRP B 297 -10.20 7.68 -23.67
C TRP B 297 -10.84 6.32 -23.91
N LEU B 298 -12.15 6.29 -24.14
CA LEU B 298 -12.78 5.02 -24.49
C LEU B 298 -12.27 4.55 -25.86
N ARG B 299 -12.19 5.48 -26.80
CA ARG B 299 -11.65 5.18 -28.11
C ARG B 299 -10.22 4.68 -28.01
N GLU B 300 -9.42 5.36 -27.19
CA GLU B 300 -8.03 4.97 -26.97
C GLU B 300 -7.88 3.55 -26.44
N HIS B 301 -8.71 3.17 -25.46
CA HIS B 301 -8.62 1.85 -24.90
C HIS B 301 -8.80 0.84 -26.02
N ASN B 302 -9.88 1.04 -26.78
CA ASN B 302 -10.24 0.10 -27.82
C ASN B 302 -9.20 0.02 -28.95
N ARG B 303 -8.66 1.18 -29.34
CA ARG B 303 -7.49 1.21 -30.23
C ARG B 303 -6.36 0.27 -29.75
N VAL B 304 -6.05 0.34 -28.45
CA VAL B 304 -4.92 -0.40 -27.90
C VAL B 304 -5.24 -1.90 -27.85
N CYS B 305 -6.50 -2.23 -27.60
CA CYS B 305 -6.91 -3.62 -27.71
C CYS B 305 -6.66 -4.11 -29.13
N ASP B 306 -6.92 -3.25 -30.13
CA ASP B 306 -6.77 -3.63 -31.53
C ASP B 306 -5.33 -3.89 -31.86
N ILE B 307 -4.46 -3.00 -31.43
CA ILE B 307 -3.02 -3.20 -31.64
C ILE B 307 -2.56 -4.47 -30.97
N LEU B 308 -3.00 -4.71 -29.74
CA LEU B 308 -2.55 -5.87 -28.99
C LEU B 308 -3.05 -7.17 -29.59
N LYS B 309 -4.29 -7.16 -30.11
CA LYS B 309 -4.90 -8.37 -30.69
C LYS B 309 -4.08 -8.85 -31.88
N GLN B 310 -3.44 -7.89 -32.53
CA GLN B 310 -2.64 -8.13 -33.71
C GLN B 310 -1.28 -8.72 -33.33
N GLU B 311 -0.65 -8.13 -32.33
CA GLU B 311 0.58 -8.64 -31.76
C GLU B 311 0.40 -9.95 -31.00
N HIS B 312 -0.81 -10.21 -30.52
CA HIS B 312 -1.04 -11.37 -29.67
C HIS B 312 -2.32 -12.11 -30.03
N PRO B 313 -2.33 -12.75 -31.21
CA PRO B 313 -3.52 -13.50 -31.60
C PRO B 313 -3.88 -14.59 -30.58
N GLU B 314 -2.90 -15.03 -29.79
CA GLU B 314 -3.11 -16.09 -28.78
C GLU B 314 -3.80 -15.64 -27.48
N TRP B 315 -3.74 -14.35 -27.16
CA TRP B 315 -4.34 -13.82 -25.94
C TRP B 315 -5.86 -13.89 -25.96
N GLY B 316 -6.48 -14.07 -24.80
CA GLY B 316 -7.95 -14.00 -24.65
C GLY B 316 -8.44 -12.59 -24.28
N ASP B 317 -9.74 -12.46 -24.07
CA ASP B 317 -10.31 -11.14 -23.75
C ASP B 317 -9.73 -10.54 -22.49
N GLU B 318 -9.66 -11.35 -21.43
CA GLU B 318 -9.21 -10.88 -20.11
C GLU B 318 -7.84 -10.23 -20.15
N GLN B 319 -6.86 -10.86 -20.79
CA GLN B 319 -5.49 -10.31 -20.82
C GLN B 319 -5.37 -9.06 -21.70
N LEU B 320 -6.11 -9.07 -22.81
CA LEU B 320 -6.19 -7.90 -23.67
C LEU B 320 -6.70 -6.72 -22.88
N PHE B 321 -7.82 -6.90 -22.18
CA PHE B 321 -8.38 -5.82 -21.40
C PHE B 321 -7.35 -5.39 -20.35
N GLN B 322 -6.96 -6.32 -19.49
CA GLN B 322 -6.03 -6.01 -18.43
C GLN B 322 -4.76 -5.27 -18.89
N THR B 323 -4.14 -5.75 -19.97
CA THR B 323 -2.92 -5.12 -20.48
C THR B 323 -3.18 -3.73 -21.06
N SER B 324 -4.29 -3.55 -21.77
CA SER B 324 -4.60 -2.22 -22.31
C SER B 324 -4.69 -1.19 -21.18
N ARG B 325 -5.27 -1.61 -20.06
CA ARG B 325 -5.46 -0.75 -18.91
C ARG B 325 -4.13 -0.26 -18.40
N LEU B 326 -3.14 -1.15 -18.36
CA LEU B 326 -1.82 -0.81 -17.88
C LEU B 326 -1.15 0.19 -18.84
N ILE B 327 -1.30 -0.07 -20.14
CA ILE B 327 -0.82 0.85 -21.18
C ILE B 327 -1.44 2.22 -21.00
N LEU B 328 -2.74 2.27 -20.74
CA LEU B 328 -3.40 3.55 -20.60
C LEU B 328 -2.99 4.27 -19.33
N ILE B 329 -2.71 3.52 -18.27
CA ILE B 329 -2.16 4.13 -17.06
C ILE B 329 -0.81 4.81 -17.41
N GLY B 330 0.05 4.08 -18.12
CA GLY B 330 1.32 4.65 -18.60
C GLY B 330 1.15 5.87 -19.50
N GLU B 331 0.27 5.77 -20.50
CA GLU B 331 -0.03 6.90 -21.34
C GLU B 331 -0.42 8.11 -20.51
N THR B 332 -1.37 7.93 -19.60
CA THR B 332 -1.85 8.99 -18.75
C THR B 332 -0.70 9.63 -18.01
N ILE B 333 0.13 8.80 -17.36
CA ILE B 333 1.25 9.37 -16.58
C ILE B 333 2.21 10.16 -17.47
N LYS B 334 2.56 9.58 -18.62
CA LYS B 334 3.38 10.28 -19.60
C LYS B 334 2.80 11.64 -20.00
N ILE B 335 1.53 11.65 -20.41
CA ILE B 335 0.90 12.88 -20.86
C ILE B 335 0.88 13.91 -19.73
N VAL B 336 0.65 13.45 -18.51
CA VAL B 336 0.57 14.37 -17.38
C VAL B 336 1.91 15.03 -17.14
N ILE B 337 2.98 14.24 -17.13
CA ILE B 337 4.31 14.79 -16.91
C ILE B 337 4.78 15.68 -18.10
N GLU B 338 4.86 15.10 -19.28
CA GLU B 338 5.55 15.79 -20.38
C GLU B 338 4.77 16.90 -21.11
N ASP B 339 3.45 16.93 -20.93
CA ASP B 339 2.59 17.91 -21.58
C ASP B 339 1.91 18.77 -20.55
N TYR B 340 1.10 18.12 -19.71
CA TYR B 340 0.26 18.82 -18.74
C TYR B 340 1.06 19.57 -17.70
N VAL B 341 1.94 18.89 -16.98
CA VAL B 341 2.74 19.55 -15.97
C VAL B 341 3.72 20.51 -16.65
N GLN B 342 4.32 20.06 -17.75
CA GLN B 342 5.19 20.89 -18.61
C GLN B 342 4.55 22.23 -18.92
N HIS B 343 3.34 22.20 -19.45
CA HIS B 343 2.61 23.43 -19.76
C HIS B 343 2.43 24.31 -18.52
N LEU B 344 2.00 23.71 -17.42
CA LEU B 344 1.84 24.44 -16.16
C LEU B 344 3.12 25.09 -15.70
N SER B 345 4.23 24.34 -15.75
CA SER B 345 5.52 24.80 -15.23
C SER B 345 6.00 26.11 -15.85
N GLY B 346 5.91 26.23 -17.17
CA GLY B 346 6.46 27.37 -17.90
C GLY B 346 7.96 27.21 -18.10
N TYR B 347 8.51 26.09 -17.63
CA TYR B 347 9.93 25.77 -17.74
C TYR B 347 10.43 25.68 -19.17
N HIS B 348 11.70 26.04 -19.39
CA HIS B 348 12.37 25.74 -20.66
C HIS B 348 13.02 24.36 -20.59
N PHE B 349 13.23 23.86 -19.37
CA PHE B 349 13.70 22.48 -19.18
C PHE B 349 12.58 21.50 -19.57
N LYS B 350 12.92 20.38 -20.18
CA LYS B 350 11.90 19.46 -20.63
C LYS B 350 11.78 18.23 -19.74
N LEU B 351 10.70 18.20 -18.96
CA LEU B 351 10.47 17.15 -17.97
C LEU B 351 10.42 15.80 -18.68
N LYS B 352 10.71 14.73 -17.93
CA LYS B 352 10.81 13.39 -18.49
C LYS B 352 10.02 12.42 -17.62
N PHE B 353 9.23 11.55 -18.23
CA PHE B 353 8.66 10.46 -17.47
C PHE B 353 9.56 9.28 -17.72
N ASP B 354 10.36 8.94 -16.71
CA ASP B 354 11.25 7.80 -16.78
C ASP B 354 11.36 7.14 -15.39
N PRO B 355 10.52 6.13 -15.14
CA PRO B 355 10.60 5.41 -13.88
C PRO B 355 12.04 5.02 -13.48
N GLU B 356 12.91 4.80 -14.47
CA GLU B 356 14.28 4.36 -14.23
C GLU B 356 15.09 5.32 -13.39
N LEU B 357 14.69 6.58 -13.38
CA LEU B 357 15.37 7.62 -12.62
C LEU B 357 15.21 7.42 -11.12
N LEU B 358 14.32 6.53 -10.70
CA LEU B 358 14.09 6.33 -9.27
C LEU B 358 14.64 4.99 -8.73
N PHE B 359 15.18 4.17 -9.63
CA PHE B 359 15.67 2.84 -9.26
C PHE B 359 16.85 2.86 -8.31
N ASN B 360 17.65 3.92 -8.34
CA ASN B 360 18.79 4.04 -7.43
C ASN B 360 18.45 4.98 -6.25
N GLN B 361 17.18 5.03 -5.89
CA GLN B 361 16.69 5.97 -4.88
C GLN B 361 15.76 5.32 -3.88
N GLN B 362 15.64 5.96 -2.71
CA GLN B 362 14.69 5.52 -1.71
C GLN B 362 13.37 6.16 -2.05
N PHE B 363 12.42 5.34 -2.50
CA PHE B 363 11.14 5.84 -2.96
C PHE B 363 10.05 4.83 -2.70
N GLN B 364 8.92 5.31 -2.20
CA GLN B 364 7.83 4.43 -1.87
C GLN B 364 6.87 4.37 -3.05
N TYR B 365 6.64 3.16 -3.54
CA TYR B 365 5.72 2.98 -4.66
C TYR B 365 4.30 2.85 -4.16
N GLN B 366 3.87 3.86 -3.43
CA GLN B 366 2.53 3.88 -2.89
C GLN B 366 2.05 5.32 -2.84
N ASN B 367 0.73 5.53 -2.88
CA ASN B 367 0.18 6.87 -2.76
C ASN B 367 -1.07 6.89 -1.88
N ARG B 368 -1.36 8.05 -1.31
CA ARG B 368 -2.61 8.27 -0.58
C ARG B 368 -3.01 9.72 -0.78
N ILE B 369 -4.19 9.93 -1.34
CA ILE B 369 -4.62 11.25 -1.72
C ILE B 369 -4.86 12.12 -0.50
N ALA B 370 -4.13 13.21 -0.42
CA ALA B 370 -4.31 14.12 0.69
C ALA B 370 -5.43 15.08 0.46
N SER B 371 -6.16 15.36 1.53
CA SER B 371 -7.27 16.30 1.49
C SER B 371 -6.83 17.67 0.96
N GLU B 372 -5.71 18.16 1.44
CA GLU B 372 -5.22 19.48 1.06
C GLU B 372 -4.87 19.52 -0.42
N PHE B 373 -4.47 18.36 -0.95
CA PHE B 373 -4.22 18.22 -2.37
C PHE B 373 -5.51 18.42 -3.16
N ASN B 374 -6.60 17.83 -2.67
CA ASN B 374 -7.93 18.04 -3.22
C ASN B 374 -8.31 19.53 -3.16
N THR B 375 -8.18 20.15 -1.99
CA THR B 375 -8.54 21.57 -1.81
C THR B 375 -7.84 22.47 -2.83
N LEU B 376 -6.53 22.31 -2.97
CA LEU B 376 -5.75 23.19 -3.83
C LEU B 376 -6.01 23.00 -5.31
N TYR B 377 -6.71 21.92 -5.66
CA TYR B 377 -6.92 21.61 -7.05
C TYR B 377 -8.28 22.12 -7.52
N HIS B 378 -8.99 22.84 -6.65
CA HIS B 378 -10.26 23.46 -7.04
C HIS B 378 -10.00 24.69 -7.92
N TRP B 379 -9.64 24.42 -9.18
CA TRP B 379 -9.19 25.47 -10.08
C TRP B 379 -10.32 26.05 -10.89
N HIS B 380 -11.40 26.44 -10.21
CA HIS B 380 -12.56 26.94 -10.92
C HIS B 380 -12.34 28.26 -11.68
N PRO B 381 -11.41 29.12 -11.20
CA PRO B 381 -11.06 30.31 -11.98
C PRO B 381 -10.71 30.01 -13.45
N LEU B 382 -10.35 28.76 -13.76
CA LEU B 382 -10.04 28.41 -15.14
C LEU B 382 -11.25 28.63 -16.04
N LEU B 383 -12.44 28.36 -15.52
CA LEU B 383 -13.65 28.38 -16.34
C LEU B 383 -13.98 29.76 -16.89
N PRO B 384 -14.33 29.83 -18.19
CA PRO B 384 -14.78 31.05 -18.87
C PRO B 384 -16.22 31.45 -18.52
N ASP B 385 -16.63 32.64 -18.94
CA ASP B 385 -18.01 33.06 -18.69
C ASP B 385 -19.00 32.32 -19.58
N THR B 386 -18.59 32.06 -20.83
CA THR B 386 -19.38 31.24 -21.76
C THR B 386 -18.49 30.23 -22.48
N PHE B 387 -19.09 29.17 -23.01
CA PHE B 387 -18.35 28.15 -23.74
C PHE B 387 -18.51 28.33 -25.24
N ASN B 388 -17.40 28.60 -25.92
CA ASN B 388 -17.42 28.91 -27.35
C ASN B 388 -17.06 27.72 -28.22
N ILE B 389 -18.09 26.99 -28.65
CA ILE B 389 -17.91 25.88 -29.57
C ILE B 389 -18.42 26.28 -30.96
N GLU B 390 -17.56 26.15 -31.97
CA GLU B 390 -17.81 26.64 -33.33
C GLU B 390 -18.17 28.12 -33.23
N ASP B 391 -19.35 28.49 -33.69
CA ASP B 391 -19.76 29.88 -33.52
C ASP B 391 -20.92 30.03 -32.52
N GLN B 392 -21.13 29.01 -31.68
CA GLN B 392 -22.07 29.14 -30.56
C GLN B 392 -21.35 29.62 -29.32
N GLU B 393 -22.06 30.41 -28.52
CA GLU B 393 -21.62 30.78 -27.19
C GLU B 393 -22.67 30.25 -26.23
N TYR B 394 -22.27 29.34 -25.34
CA TYR B 394 -23.19 28.71 -24.41
C TYR B 394 -22.99 29.19 -22.97
N SER B 395 -24.08 29.62 -22.35
CA SER B 395 -24.06 29.95 -20.94
C SER B 395 -23.87 28.65 -20.16
N PHE B 396 -23.49 28.76 -18.88
CA PHE B 396 -23.33 27.58 -18.03
C PHE B 396 -24.58 26.74 -17.98
N LYS B 397 -25.74 27.41 -17.91
CA LYS B 397 -27.03 26.74 -17.86
C LYS B 397 -27.22 25.92 -19.12
N GLN B 398 -26.86 26.52 -20.26
CA GLN B 398 -26.90 25.83 -21.55
C GLN B 398 -25.91 24.69 -21.61
N PHE B 399 -24.70 24.92 -21.10
CA PHE B 399 -23.63 23.93 -21.19
C PHE B 399 -23.81 22.70 -20.30
N LEU B 400 -24.01 22.91 -19.00
CA LEU B 400 -24.15 21.79 -18.08
C LEU B 400 -25.22 20.82 -18.54
N TYR B 401 -24.85 19.54 -18.62
CA TYR B 401 -25.77 18.44 -18.92
C TYR B 401 -26.09 18.19 -20.39
N ASN B 402 -25.85 19.19 -21.22
CA ASN B 402 -26.16 19.11 -22.64
C ASN B 402 -25.17 18.22 -23.39
N ASN B 403 -25.40 16.92 -23.36
CA ASN B 403 -24.60 15.99 -24.15
C ASN B 403 -24.93 16.04 -25.62
N SER B 404 -26.02 16.72 -25.95
CA SER B 404 -26.40 16.90 -27.36
C SER B 404 -25.49 17.93 -28.05
N ILE B 405 -24.91 18.85 -27.29
CA ILE B 405 -23.93 19.79 -27.83
C ILE B 405 -22.78 18.99 -28.44
N LEU B 406 -22.34 17.97 -27.71
CA LEU B 406 -21.23 17.12 -28.12
C LEU B 406 -21.56 16.31 -29.38
N LEU B 407 -22.83 16.08 -29.63
CA LEU B 407 -23.24 15.40 -30.85
C LEU B 407 -23.53 16.39 -31.97
N GLU B 408 -24.18 17.50 -31.62
CA GLU B 408 -24.45 18.57 -32.57
C GLU B 408 -23.19 19.07 -33.26
N HIS B 409 -22.09 19.18 -32.52
CA HIS B 409 -20.84 19.68 -33.10
C HIS B 409 -19.88 18.54 -33.45
N GLY B 410 -19.91 17.46 -32.67
CA GLY B 410 -18.97 16.36 -32.89
C GLY B 410 -17.63 16.61 -32.20
N LEU B 411 -16.89 15.54 -31.92
CA LEU B 411 -15.65 15.69 -31.19
C LEU B 411 -14.65 16.58 -31.88
N THR B 412 -14.59 16.51 -33.21
CA THR B 412 -13.56 17.27 -33.93
C THR B 412 -13.72 18.78 -33.67
N GLN B 413 -14.93 19.30 -33.86
CA GLN B 413 -15.19 20.73 -33.59
C GLN B 413 -14.96 21.11 -32.13
N PHE B 414 -15.24 20.18 -31.21
CA PHE B 414 -14.95 20.34 -29.79
C PHE B 414 -13.46 20.57 -29.51
N VAL B 415 -12.62 19.69 -30.07
CA VAL B 415 -11.18 19.82 -29.93
C VAL B 415 -10.68 21.13 -30.54
N GLU B 416 -11.17 21.46 -31.72
CA GLU B 416 -10.74 22.68 -32.42
C GLU B 416 -11.05 23.96 -31.66
N SER B 417 -12.27 24.03 -31.14
CA SER B 417 -12.78 25.20 -30.40
C SER B 417 -12.19 25.33 -29.01
N PHE B 418 -12.06 24.21 -28.32
CA PHE B 418 -11.49 24.24 -26.99
C PHE B 418 -10.00 24.57 -27.01
N THR B 419 -9.28 24.14 -28.03
CA THR B 419 -7.89 24.49 -28.21
C THR B 419 -7.75 25.99 -28.44
N ARG B 420 -8.76 26.62 -29.03
CA ARG B 420 -8.67 28.06 -29.32
C ARG B 420 -9.09 28.94 -28.11
N GLN B 421 -10.05 28.48 -27.31
CA GLN B 421 -10.61 29.31 -26.23
C GLN B 421 -9.77 29.31 -24.96
N ILE B 422 -9.35 30.51 -24.54
CA ILE B 422 -8.46 30.72 -23.40
C ILE B 422 -9.14 30.55 -22.03
N ALA B 423 -8.42 29.98 -21.07
CA ALA B 423 -8.90 29.77 -19.70
C ALA B 423 -8.58 30.95 -18.82
N GLY B 424 -9.22 31.02 -17.66
CA GLY B 424 -8.96 32.06 -16.68
C GLY B 424 -7.75 31.82 -15.79
N ARG B 425 -7.16 32.90 -15.31
CA ARG B 425 -6.06 32.84 -14.36
C ARG B 425 -6.58 32.40 -12.99
N VAL B 426 -5.84 31.49 -12.34
CA VAL B 426 -6.27 30.91 -11.06
C VAL B 426 -5.85 31.78 -9.87
N ALA B 427 -4.56 32.08 -9.78
CA ALA B 427 -4.05 32.93 -8.72
C ALA B 427 -4.36 34.39 -9.03
N GLY B 428 -4.09 35.28 -8.09
CA GLY B 428 -4.18 36.72 -8.34
C GLY B 428 -5.46 37.40 -7.89
N GLY B 429 -6.44 36.60 -7.50
CA GLY B 429 -7.67 37.11 -6.92
C GLY B 429 -8.81 37.37 -7.89
N ARG B 430 -10.02 37.31 -7.37
CA ARG B 430 -11.20 37.77 -8.08
C ARG B 430 -11.43 37.17 -9.47
N ASN B 431 -11.35 35.85 -9.60
CA ASN B 431 -11.59 35.21 -10.89
C ASN B 431 -12.44 33.93 -10.85
N VAL B 432 -13.18 33.71 -9.77
CA VAL B 432 -14.12 32.58 -9.70
C VAL B 432 -15.45 32.97 -10.35
N PRO B 433 -15.83 32.28 -11.42
CA PRO B 433 -17.08 32.54 -12.12
C PRO B 433 -18.29 32.57 -11.18
N ILE B 434 -19.17 33.55 -11.36
CA ILE B 434 -20.35 33.70 -10.52
C ILE B 434 -21.24 32.46 -10.59
N ALA B 435 -21.23 31.80 -11.74
CA ALA B 435 -22.02 30.59 -11.96
C ALA B 435 -21.67 29.45 -11.00
N VAL B 436 -20.41 29.41 -10.54
CA VAL B 436 -19.95 28.35 -9.63
C VAL B 436 -19.62 28.85 -8.24
N GLN B 437 -20.22 29.98 -7.85
CA GLN B 437 -19.95 30.55 -6.54
C GLN B 437 -20.23 29.57 -5.39
N ALA B 438 -21.28 28.76 -5.51
CA ALA B 438 -21.61 27.81 -4.44
C ALA B 438 -20.46 26.82 -4.20
N VAL B 439 -19.75 26.49 -5.27
CA VAL B 439 -18.63 25.57 -5.20
C VAL B 439 -17.47 26.18 -4.41
N ALA B 440 -17.13 27.43 -4.73
CA ALA B 440 -16.05 28.11 -4.03
C ALA B 440 -16.37 28.25 -2.54
N LYS B 441 -17.61 28.63 -2.23
CA LYS B 441 -18.04 28.73 -0.84
C LYS B 441 -17.82 27.42 -0.07
N ALA B 442 -18.26 26.31 -0.66
CA ALA B 442 -18.13 24.98 -0.08
C ALA B 442 -16.68 24.58 0.17
N SER B 443 -15.77 25.04 -0.69
CA SER B 443 -14.36 24.79 -0.47
C SER B 443 -13.83 25.48 0.78
N ILE B 444 -14.36 26.67 1.06
CA ILE B 444 -14.05 27.33 2.31
C ILE B 444 -14.75 26.63 3.48
N ASP B 445 -16.06 26.39 3.35
CA ASP B 445 -16.83 25.81 4.45
C ASP B 445 -16.35 24.42 4.82
N GLN B 446 -15.82 23.70 3.85
CA GLN B 446 -15.38 22.34 4.12
C GLN B 446 -13.96 22.32 4.66
N SER B 447 -13.13 23.26 4.22
CA SER B 447 -11.85 23.53 4.86
C SER B 447 -12.06 23.68 6.36
N ARG B 448 -13.11 24.42 6.71
CA ARG B 448 -13.46 24.71 8.09
C ARG B 448 -14.00 23.49 8.85
N GLU B 449 -14.93 22.74 8.25
CA GLU B 449 -15.43 21.51 8.89
C GLU B 449 -14.32 20.50 9.16
N MET B 450 -13.37 20.38 8.22
CA MET B 450 -12.26 19.45 8.31
C MET B 450 -11.12 20.00 9.16
N LYS B 451 -11.35 21.16 9.79
CA LYS B 451 -10.42 21.79 10.74
C LYS B 451 -9.01 22.05 10.18
N TYR B 452 -8.94 22.55 8.95
CA TYR B 452 -7.68 22.88 8.29
C TYR B 452 -6.88 23.89 9.08
N GLN B 453 -5.58 23.65 9.15
CA GLN B 453 -4.64 24.60 9.71
C GLN B 453 -4.54 25.83 8.81
N SER B 454 -3.85 26.87 9.28
CA SER B 454 -3.75 28.15 8.54
C SER B 454 -2.78 28.13 7.33
N LEU B 455 -2.93 29.10 6.44
CA LEU B 455 -2.05 29.24 5.29
C LEU B 455 -0.59 29.14 5.71
N ASN B 456 -0.21 29.91 6.72
CA ASN B 456 1.19 30.01 7.11
C ASN B 456 1.77 28.74 7.71
N GLU B 457 0.90 27.95 8.33
CA GLU B 457 1.29 26.64 8.81
C GLU B 457 1.63 25.75 7.63
N TYR B 458 0.84 25.83 6.56
CA TYR B 458 1.10 25.02 5.36
C TYR B 458 2.36 25.47 4.64
N ARG B 459 2.60 26.78 4.63
CA ARG B 459 3.82 27.28 4.04
C ARG B 459 5.04 26.76 4.80
N LYS B 460 4.97 26.80 6.13
CA LYS B 460 6.05 26.26 6.94
C LYS B 460 6.23 24.76 6.71
N ARG B 461 5.12 24.04 6.63
CA ARG B 461 5.13 22.61 6.39
C ARG B 461 5.83 22.20 5.07
N PHE B 462 5.76 23.08 4.07
CA PHE B 462 6.40 22.81 2.77
C PHE B 462 7.64 23.66 2.51
N SER B 463 8.23 24.17 3.60
CA SER B 463 9.52 24.88 3.60
C SER B 463 9.45 26.26 2.99
N LEU B 464 8.55 27.09 3.49
CA LEU B 464 8.39 28.43 2.95
C LEU B 464 8.24 29.47 4.05
N LYS B 465 8.88 30.64 3.86
CA LYS B 465 8.70 31.76 4.78
C LYS B 465 7.20 32.08 4.92
N PRO B 466 6.68 32.08 6.15
CA PRO B 466 5.30 32.53 6.37
C PRO B 466 5.10 33.94 5.87
N TYR B 467 3.95 34.23 5.26
CA TYR B 467 3.63 35.59 4.88
C TYR B 467 3.56 36.44 6.13
N THR B 468 4.15 37.63 6.09
CA THR B 468 4.21 38.54 7.26
C THR B 468 3.12 39.61 7.25
N SER B 469 2.38 39.69 6.15
CA SER B 469 1.32 40.69 5.94
C SER B 469 0.51 40.33 4.69
N PHE B 470 -0.71 40.84 4.62
CA PHE B 470 -1.54 40.57 3.46
C PHE B 470 -0.99 41.19 2.18
N GLU B 471 -0.52 42.44 2.26
CA GLU B 471 0.12 43.11 1.12
C GLU B 471 1.21 42.20 0.52
N GLU B 472 1.96 41.50 1.37
CA GLU B 472 3.02 40.58 0.91
C GLU B 472 2.44 39.34 0.22
N LEU B 473 1.28 38.90 0.68
CA LEU B 473 0.59 37.74 0.11
C LEU B 473 0.08 38.03 -1.29
N THR B 474 -0.70 39.11 -1.42
CA THR B 474 -1.36 39.45 -2.68
C THR B 474 -0.46 40.22 -3.65
N GLY B 475 0.52 40.95 -3.10
CA GLY B 475 1.43 41.79 -3.88
C GLY B 475 0.77 43.08 -4.31
N GLU B 476 -0.36 43.37 -3.68
CA GLU B 476 -1.30 44.37 -4.14
C GLU B 476 -1.94 45.02 -2.90
N LYS B 477 -2.53 46.21 -3.05
CA LYS B 477 -3.02 46.94 -1.88
C LYS B 477 -4.52 46.79 -1.62
N GLU B 478 -5.33 46.72 -2.68
CA GLU B 478 -6.80 46.79 -2.55
C GLU B 478 -7.45 45.58 -1.85
N MET B 479 -7.05 44.38 -2.25
CA MET B 479 -7.61 43.13 -1.70
C MET B 479 -7.03 42.85 -0.33
N ALA B 480 -5.74 43.13 -0.19
CA ALA B 480 -5.04 43.00 1.09
C ALA B 480 -5.78 43.78 2.18
N ALA B 481 -6.14 45.02 1.88
CA ALA B 481 -6.92 45.83 2.80
C ALA B 481 -8.21 45.11 3.18
N GLU B 482 -8.91 44.55 2.19
CA GLU B 482 -10.17 43.84 2.40
C GLU B 482 -9.98 42.64 3.31
N LEU B 483 -8.93 41.88 3.03
CA LEU B 483 -8.61 40.69 3.81
C LEU B 483 -8.24 41.03 5.25
N LYS B 484 -7.40 42.04 5.43
CA LYS B 484 -7.00 42.50 6.77
C LYS B 484 -8.23 42.78 7.63
N ALA B 485 -9.21 43.49 7.09
CA ALA B 485 -10.40 43.83 7.83
C ALA B 485 -11.34 42.63 7.99
N LEU B 486 -10.98 41.50 7.39
CA LEU B 486 -11.75 40.26 7.53
C LEU B 486 -11.09 39.24 8.46
N TYR B 487 -9.76 39.23 8.46
CA TYR B 487 -9.03 38.22 9.21
C TYR B 487 -8.23 38.75 10.39
N SER B 488 -7.86 40.03 10.34
CA SER B 488 -7.02 40.72 11.36
C SER B 488 -5.54 40.36 11.27
N ASP B 489 -5.26 39.06 11.33
CA ASP B 489 -3.91 38.56 11.41
C ASP B 489 -3.60 37.70 10.19
N ILE B 490 -2.50 38.01 9.49
CA ILE B 490 -2.04 37.18 8.37
C ILE B 490 -1.94 35.70 8.76
N ASP B 491 -1.64 35.44 10.03
CA ASP B 491 -1.40 34.09 10.52
C ASP B 491 -2.66 33.24 10.68
N VAL B 492 -3.84 33.85 10.52
CA VAL B 492 -5.08 33.07 10.50
C VAL B 492 -5.71 33.03 9.11
N MET B 493 -4.99 33.50 8.10
CA MET B 493 -5.45 33.42 6.72
C MET B 493 -5.59 31.95 6.31
N GLU B 494 -6.77 31.60 5.78
CA GLU B 494 -7.07 30.23 5.33
C GLU B 494 -6.38 29.86 4.03
N LEU B 495 -6.09 28.58 3.87
CA LEU B 495 -5.37 28.04 2.72
C LEU B 495 -6.06 28.23 1.36
N TYR B 496 -7.32 27.81 1.24
CA TYR B 496 -8.03 27.90 -0.05
C TYR B 496 -8.09 29.33 -0.61
N PRO B 497 -8.69 30.30 0.13
CA PRO B 497 -8.76 31.66 -0.41
C PRO B 497 -7.39 32.22 -0.76
N ALA B 498 -6.39 31.86 0.03
CA ALA B 498 -5.04 32.36 -0.17
C ALA B 498 -4.53 31.96 -1.53
N LEU B 499 -4.76 30.70 -1.88
CA LEU B 499 -4.30 30.15 -3.17
C LEU B 499 -4.84 30.96 -4.35
N LEU B 500 -6.09 31.40 -4.24
CA LEU B 500 -6.75 32.06 -5.33
C LEU B 500 -6.55 33.58 -5.34
N VAL B 501 -5.82 34.12 -4.36
CA VAL B 501 -5.54 35.55 -4.34
C VAL B 501 -4.04 35.87 -4.34
N GLU B 502 -3.23 34.85 -4.13
CA GLU B 502 -1.79 35.00 -4.06
C GLU B 502 -1.22 35.76 -5.27
N LYS B 503 -0.24 36.63 -5.02
CA LYS B 503 0.54 37.22 -6.09
C LYS B 503 1.07 36.04 -6.88
N PRO B 504 0.81 36.02 -8.20
CA PRO B 504 1.29 34.93 -9.03
C PRO B 504 2.73 35.17 -9.42
N ARG B 505 3.44 34.11 -9.77
CA ARG B 505 4.74 34.25 -10.39
C ARG B 505 4.54 35.08 -11.66
N PRO B 506 5.58 35.84 -12.07
CA PRO B 506 5.44 36.79 -13.17
C PRO B 506 4.88 36.16 -14.47
N ASP B 507 3.74 36.66 -14.94
CA ASP B 507 3.08 36.12 -16.14
C ASP B 507 2.72 34.65 -16.01
N ALA B 508 2.45 34.20 -14.78
CA ALA B 508 2.13 32.79 -14.51
C ALA B 508 0.70 32.60 -14.05
N ILE B 509 0.25 31.35 -14.06
CA ILE B 509 -1.12 31.04 -13.69
C ILE B 509 -1.30 30.91 -12.18
N PHE B 510 -0.27 30.44 -11.48
CA PHE B 510 -0.36 30.15 -10.05
C PHE B 510 0.58 31.01 -9.26
N GLY B 511 0.28 31.13 -7.97
CA GLY B 511 1.23 31.68 -7.03
C GLY B 511 2.14 30.60 -6.49
N GLU B 512 3.08 31.02 -5.64
CA GLU B 512 4.12 30.15 -5.09
C GLU B 512 3.55 28.98 -4.26
N THR B 513 2.63 29.28 -3.35
CA THR B 513 2.07 28.28 -2.45
C THR B 513 1.47 27.12 -3.24
N MET B 514 0.63 27.46 -4.22
CA MET B 514 -0.02 26.51 -5.11
C MET B 514 0.95 25.47 -5.70
N VAL B 515 2.06 25.93 -6.25
CA VAL B 515 3.03 25.05 -6.85
C VAL B 515 3.75 24.25 -5.76
N GLU B 516 4.18 24.93 -4.71
CA GLU B 516 5.06 24.31 -3.73
C GLU B 516 4.38 23.27 -2.82
N LEU B 517 3.07 23.40 -2.68
CA LEU B 517 2.28 22.34 -2.07
C LEU B 517 1.94 21.31 -3.13
N GLY B 518 1.38 21.76 -4.25
CA GLY B 518 0.85 20.88 -5.28
C GLY B 518 1.83 19.90 -5.89
N ALA B 519 3.01 20.40 -6.26
CA ALA B 519 3.98 19.59 -7.00
C ALA B 519 4.35 18.30 -6.28
N PRO B 520 4.64 18.37 -4.96
CA PRO B 520 4.92 17.13 -4.20
C PRO B 520 3.79 16.11 -4.31
N PHE B 521 2.57 16.52 -4.02
CA PHE B 521 1.42 15.64 -4.13
C PHE B 521 1.26 15.07 -5.52
N SER B 522 1.49 15.93 -6.52
CA SER B 522 1.33 15.55 -7.90
C SER B 522 2.34 14.47 -8.31
N LEU B 523 3.61 14.71 -8.05
CA LEU B 523 4.67 13.80 -8.48
C LEU B 523 4.61 12.46 -7.78
N LYS B 524 4.27 12.49 -6.49
CA LYS B 524 4.07 11.28 -5.75
C LYS B 524 2.85 10.51 -6.29
N GLY B 525 1.80 11.22 -6.67
CA GLY B 525 0.63 10.60 -7.28
C GLY B 525 0.97 9.87 -8.57
N LEU B 526 1.89 10.44 -9.35
CA LEU B 526 2.27 9.90 -10.64
C LEU B 526 3.35 8.83 -10.49
N MET B 527 4.47 9.21 -9.90
CA MET B 527 5.61 8.31 -9.81
C MET B 527 5.34 7.17 -8.84
N GLY B 528 4.51 7.43 -7.83
CA GLY B 528 4.21 6.48 -6.78
C GLY B 528 3.32 5.34 -7.23
N ASN B 529 3.08 5.25 -8.53
CA ASN B 529 2.22 4.20 -9.09
C ASN B 529 2.95 2.85 -9.15
N PRO B 530 2.22 1.72 -9.01
CA PRO B 530 2.95 0.45 -9.07
C PRO B 530 3.60 0.19 -10.42
N ILE B 531 3.09 0.77 -11.50
CA ILE B 531 3.65 0.46 -12.81
C ILE B 531 5.02 1.12 -13.01
N CYS B 532 5.36 2.06 -12.14
CA CYS B 532 6.66 2.71 -12.14
C CYS B 532 7.71 1.95 -11.34
N SER B 533 7.30 0.88 -10.66
CA SER B 533 8.20 0.11 -9.81
C SER B 533 9.06 -0.84 -10.68
N PRO B 534 10.30 -1.14 -10.24
CA PRO B 534 11.20 -1.93 -11.07
C PRO B 534 10.61 -3.23 -11.56
N GLN B 535 9.85 -3.95 -10.72
CA GLN B 535 9.29 -5.26 -11.14
C GLN B 535 8.22 -5.17 -12.26
N TYR B 536 7.61 -3.99 -12.36
CA TYR B 536 6.56 -3.75 -13.34
C TYR B 536 7.08 -3.08 -14.59
N TRP B 537 8.06 -2.20 -14.45
CA TRP B 537 8.52 -1.36 -15.55
C TRP B 537 9.43 -2.13 -16.51
N LYS B 538 8.79 -2.97 -17.30
CA LYS B 538 9.45 -3.89 -18.21
C LYS B 538 8.51 -3.97 -19.40
N PRO B 539 9.05 -4.21 -20.61
CA PRO B 539 8.14 -4.34 -21.75
C PRO B 539 7.13 -5.48 -21.61
N SER B 540 7.50 -6.54 -20.90
CA SER B 540 6.60 -7.71 -20.79
C SER B 540 5.27 -7.37 -20.11
N THR B 541 5.31 -6.39 -19.20
CA THR B 541 4.13 -5.92 -18.48
C THR B 541 3.06 -5.36 -19.41
N PHE B 542 3.53 -4.81 -20.52
CA PHE B 542 2.69 -4.10 -21.45
C PHE B 542 2.61 -4.86 -22.77
N GLY B 543 2.84 -6.17 -22.72
CA GLY B 543 2.67 -7.03 -23.88
C GLY B 543 3.78 -6.93 -24.93
N GLY B 544 4.96 -6.47 -24.52
CA GLY B 544 6.11 -6.42 -25.42
C GLY B 544 6.48 -5.03 -25.92
N GLU B 545 7.54 -4.98 -26.72
CA GLU B 545 8.12 -3.74 -27.24
C GLU B 545 7.06 -2.77 -27.78
N VAL B 546 6.06 -3.28 -28.49
CA VAL B 546 5.01 -2.43 -29.02
C VAL B 546 4.25 -1.66 -27.90
N GLY B 547 3.76 -2.37 -26.88
CA GLY B 547 3.00 -1.75 -25.80
C GLY B 547 3.81 -0.74 -25.03
N PHE B 548 5.03 -1.13 -24.67
CA PHE B 548 5.97 -0.27 -23.98
C PHE B 548 6.24 0.99 -24.78
N LYS B 549 6.21 0.88 -26.10
CA LYS B 549 6.50 1.99 -27.00
C LYS B 549 5.33 2.98 -27.06
N ILE B 550 4.09 2.46 -27.04
CA ILE B 550 2.90 3.30 -26.95
C ILE B 550 3.02 4.26 -25.76
N ILE B 551 3.40 3.71 -24.61
CA ILE B 551 3.48 4.45 -23.37
C ILE B 551 4.55 5.53 -23.48
N ASN B 552 5.72 5.12 -23.95
CA ASN B 552 6.89 5.99 -23.93
C ASN B 552 6.96 7.06 -25.00
N THR B 553 5.95 7.09 -25.87
CA THR B 553 5.83 8.11 -26.94
C THR B 553 4.47 8.81 -26.97
N ALA B 554 3.68 8.57 -25.91
CA ALA B 554 2.33 9.14 -25.79
C ALA B 554 2.38 10.65 -25.60
N SER B 555 1.40 11.35 -26.13
CA SER B 555 1.30 12.81 -25.96
C SER B 555 -0.15 13.22 -26.04
N ILE B 556 -0.45 14.45 -25.60
CA ILE B 556 -1.79 15.00 -25.77
C ILE B 556 -2.18 15.04 -27.26
N GLN B 557 -1.24 15.39 -28.14
CA GLN B 557 -1.48 15.34 -29.58
C GLN B 557 -1.83 13.94 -30.05
N SER B 558 -0.91 12.99 -29.86
CA SER B 558 -1.15 11.65 -30.37
C SER B 558 -2.47 11.07 -29.85
N LEU B 559 -2.83 11.40 -28.61
CA LEU B 559 -4.10 10.95 -28.06
C LEU B 559 -5.28 11.46 -28.87
N ILE B 560 -5.27 12.76 -29.19
CA ILE B 560 -6.33 13.36 -29.99
C ILE B 560 -6.26 12.90 -31.45
N CYS B 561 -5.04 12.86 -32.00
CA CYS B 561 -4.82 12.48 -33.38
C CYS B 561 -5.28 11.07 -33.72
N ASN B 562 -4.99 10.11 -32.85
CA ASN B 562 -5.38 8.73 -33.07
C ASN B 562 -6.88 8.42 -32.91
N ASN B 563 -7.59 9.29 -32.18
CA ASN B 563 -8.96 8.97 -31.74
C ASN B 563 -10.06 9.96 -32.16
N VAL B 564 -9.66 11.08 -32.72
CA VAL B 564 -10.61 12.09 -33.17
C VAL B 564 -10.52 12.23 -34.69
N LYS B 565 -11.65 12.03 -35.37
CA LYS B 565 -11.77 12.17 -36.84
C LYS B 565 -11.07 13.43 -37.34
N GLY B 566 -10.26 13.28 -38.39
CA GLY B 566 -9.59 14.41 -39.01
C GLY B 566 -8.23 14.79 -38.43
N CYS B 567 -7.87 14.16 -37.31
CA CYS B 567 -6.63 14.46 -36.54
C CYS B 567 -6.35 15.96 -36.41
N PRO B 568 -7.19 16.67 -35.64
CA PRO B 568 -6.99 18.10 -35.40
C PRO B 568 -5.74 18.38 -34.56
N PHE B 569 -5.15 19.55 -34.74
CA PHE B 569 -4.02 19.91 -33.92
C PHE B 569 -4.46 20.36 -32.56
N THR B 570 -3.76 19.90 -31.54
CA THR B 570 -4.10 20.37 -30.21
C THR B 570 -2.88 20.59 -29.37
N SER B 571 -3.07 21.39 -28.32
CA SER B 571 -2.09 21.54 -27.26
C SER B 571 -2.81 22.06 -26.01
N PHE B 572 -2.06 22.23 -24.91
CA PHE B 572 -2.65 22.79 -23.72
C PHE B 572 -2.66 24.31 -23.68
N ASN B 573 -2.14 24.95 -24.73
CA ASN B 573 -2.27 26.40 -24.80
C ASN B 573 -2.76 26.97 -26.15
N VAL B 574 -3.49 28.07 -26.07
CA VAL B 574 -3.86 28.90 -27.23
C VAL B 574 -2.63 29.55 -27.85
#